data_9CUF
#
_entry.id   9CUF
#
_cell.length_a   50.840
_cell.length_b   95.470
_cell.length_c   228.200
_cell.angle_alpha   90.000
_cell.angle_beta   90.000
_cell.angle_gamma   90.000
#
_symmetry.space_group_name_H-M   'P 21 21 21'
#
loop_
_entity.id
_entity.type
_entity.pdbx_description
1 polymer 'Cytochrome c-552'
2 non-polymer 'HEME C'
3 non-polymer 'CALCIUM ION'
4 non-polymer 3,6,9,12,15,18,21,24,27,30,33,36,39-TRIDECAOXAHENTETRACONTANE-1,41-DIOL
#
_entity_poly.entity_id   1
_entity_poly.type   'polypeptide(L)'
_entity_poly.pdbx_seq_one_letter_code
;SDKTEPRNEVYKDKFKNQYNSWHDTAKSEELVDALEQDPNMVILWAGYAFAKDYKAPRGHMYAVTDVRNTLRTGAPKNAE
DGPLPMACWSCKSPDVPRLIEEQGEDGYFKGKWAKGGPEVTNTIGCSDCHEKGSPKLRISRPYVDRALDAIGTPFSKASK
QDKESMVCAQCHVEYYFEKKEDKKGFVKFPWDMGVTVDQMEVYYDGIEFSDWTHALSKTPMLKAQHPEYETWKMGIHGKN
NVSCVDCHMPKVTSPEGKKFTDHKVGNPFDRFEETCATCHSQTKEFLVGVTNERKAKVKEMKLKAEEQLVKAHFEAAKAW
ELGATEAEMKPILTDIRHAQWRWDLAIASHGVAAHAPEEALRVLGTSVNKAADARVKLAQLLAKKGLTDPVAIPDISTKA
KAQAVLGMDMEKMNAEKEAFKKDMLPKWDAEAKKREATY
;
_entity_poly.pdbx_strand_id   A,B
#
loop_
_chem_comp.id
_chem_comp.type
_chem_comp.name
_chem_comp.formula
CA non-polymer 'CALCIUM ION' 'Ca 2'
HEC non-polymer 'HEME C' 'C34 H34 Fe N4 O4'
PE3 non-polymer 3,6,9,12,15,18,21,24,27,30,33,36,39-TRIDECAOXAHENTETRACONTANE-1,41-DIOL 'C28 H58 O15'
#
# COMPACT_ATOMS: atom_id res chain seq x y z
N SER A 1 45.89 -9.20 3.66
CA SER A 1 46.44 -8.31 4.69
C SER A 1 46.65 -6.90 4.13
N ASP A 2 47.01 -6.86 2.84
CA ASP A 2 47.53 -5.64 2.23
C ASP A 2 46.43 -4.62 1.93
N LYS A 3 45.25 -5.07 1.51
CA LYS A 3 44.25 -4.19 0.94
C LYS A 3 43.40 -3.47 1.98
N THR A 4 43.48 -3.87 3.24
CA THR A 4 42.61 -3.39 4.31
C THR A 4 43.34 -2.37 5.19
N GLU A 5 42.60 -1.76 6.13
CA GLU A 5 43.20 -0.98 7.21
C GLU A 5 42.16 -0.81 8.30
N PRO A 6 42.33 -1.50 9.44
CA PRO A 6 41.30 -1.43 10.49
C PRO A 6 41.17 -0.07 11.16
N ARG A 7 42.27 0.65 11.37
CA ARG A 7 42.19 2.01 11.89
C ARG A 7 41.94 2.95 10.71
N ASN A 8 40.69 3.44 10.61
CA ASN A 8 40.31 4.57 9.76
C ASN A 8 40.72 5.90 10.37
N GLU A 9 41.37 5.84 11.53
CA GLU A 9 41.84 6.97 12.29
C GLU A 9 43.24 7.40 11.87
N VAL A 10 43.95 6.53 11.15
CA VAL A 10 45.28 6.80 10.59
C VAL A 10 45.23 7.84 9.46
N TYR A 11 44.06 8.10 8.87
CA TYR A 11 43.92 9.11 7.83
C TYR A 11 43.30 10.41 8.35
N LYS A 12 43.31 10.60 9.67
CA LYS A 12 42.66 11.77 10.27
C LYS A 12 43.17 13.09 9.73
N ASP A 13 44.40 13.13 9.23
CA ASP A 13 45.10 14.37 8.90
C ASP A 13 45.21 14.66 7.40
N LYS A 14 45.30 13.63 6.54
CA LYS A 14 45.19 13.88 5.10
C LYS A 14 43.75 14.12 4.69
N PHE A 15 42.81 13.70 5.52
CA PHE A 15 41.39 13.97 5.34
C PHE A 15 40.88 14.31 6.73
N LYS A 16 40.71 15.60 7.01
CA LYS A 16 39.98 16.02 8.20
C LYS A 16 38.52 16.30 7.88
N ASN A 17 38.21 16.75 6.67
CA ASN A 17 36.82 16.75 6.21
C ASN A 17 36.25 15.34 6.26
N GLN A 18 36.85 14.42 5.50
CA GLN A 18 36.35 13.06 5.37
C GLN A 18 36.42 12.26 6.68
N TYR A 19 37.13 12.76 7.68
CA TYR A 19 37.26 12.06 8.94
C TYR A 19 36.51 12.73 10.07
N ASN A 20 36.47 14.05 10.11
CA ASN A 20 35.71 14.72 11.16
C ASN A 20 34.21 14.74 10.85
N SER A 21 33.82 14.38 9.62
CA SER A 21 32.43 14.05 9.33
C SER A 21 32.15 12.61 9.70
N TRP A 22 32.87 11.68 9.07
CA TRP A 22 32.88 10.26 9.43
C TRP A 22 32.79 10.06 10.94
N HIS A 23 33.47 10.92 11.71
CA HIS A 23 33.50 10.79 13.16
C HIS A 23 32.22 11.26 13.83
N ASP A 24 31.37 12.00 13.13
CA ASP A 24 30.14 12.50 13.72
C ASP A 24 28.96 11.53 13.60
N THR A 25 29.20 10.28 13.20
CA THR A 25 28.15 9.27 13.40
C THR A 25 27.97 8.96 14.88
N ALA A 26 28.95 9.35 15.71
CA ALA A 26 28.89 9.18 17.15
C ALA A 26 28.10 10.28 17.83
N LYS A 27 27.79 11.37 17.12
CA LYS A 27 26.83 12.36 17.60
C LYS A 27 25.41 11.86 17.31
N SER A 28 25.15 10.61 17.76
CA SER A 28 23.95 9.80 17.51
C SER A 28 23.85 8.65 18.52
N GLU A 29 23.22 8.86 19.68
CA GLU A 29 23.09 7.79 20.66
C GLU A 29 21.66 7.68 21.17
N GLU A 30 20.69 7.89 20.29
CA GLU A 30 19.27 7.57 20.56
C GLU A 30 19.07 6.05 20.43
N LEU A 31 19.11 5.37 21.58
CA LEU A 31 18.91 3.93 21.69
C LEU A 31 17.45 3.68 22.08
N VAL A 32 16.62 3.30 21.12
CA VAL A 32 15.21 3.06 21.39
C VAL A 32 14.97 1.56 21.45
N ASP A 33 14.20 1.11 22.45
CA ASP A 33 14.04 -0.31 22.77
C ASP A 33 12.81 -0.83 22.02
N ALA A 34 12.99 -1.09 20.74
CA ALA A 34 11.87 -1.46 19.89
C ALA A 34 11.12 -2.69 20.37
N LEU A 35 11.45 -3.21 21.55
CA LEU A 35 10.61 -4.20 22.23
C LEU A 35 9.83 -3.61 23.40
N GLU A 36 10.39 -2.61 24.07
CA GLU A 36 9.60 -1.78 24.97
C GLU A 36 8.48 -1.07 24.24
N GLN A 37 8.59 -0.97 22.91
CA GLN A 37 7.66 -0.23 22.07
C GLN A 37 6.93 -1.11 21.08
N ASP A 38 6.94 -2.43 21.28
CA ASP A 38 6.01 -3.33 20.63
C ASP A 38 6.15 -4.70 21.25
N PRO A 39 5.48 -4.95 22.36
CA PRO A 39 5.50 -6.29 22.95
C PRO A 39 5.00 -7.38 22.02
N ASN A 40 4.41 -7.04 20.89
CA ASN A 40 3.93 -8.03 19.95
C ASN A 40 5.00 -8.49 18.98
N MET A 41 6.20 -7.91 19.01
CA MET A 41 7.36 -8.52 18.36
C MET A 41 7.92 -9.63 19.24
N VAL A 42 8.10 -9.35 20.52
CA VAL A 42 8.40 -10.36 21.53
C VAL A 42 7.69 -11.68 21.21
N ILE A 43 6.36 -11.63 21.07
CA ILE A 43 5.61 -12.85 20.76
C ILE A 43 5.93 -13.36 19.36
N LEU A 44 6.17 -12.45 18.41
CA LEU A 44 6.40 -12.86 17.02
C LEU A 44 7.81 -13.42 16.84
N TRP A 45 8.79 -12.85 17.53
CA TRP A 45 10.12 -13.45 17.64
C TRP A 45 10.20 -14.26 18.92
N ALA A 46 9.25 -15.19 19.07
CA ALA A 46 9.18 -16.06 20.25
C ALA A 46 10.17 -17.21 20.12
N GLY A 47 11.04 -17.34 21.12
CA GLY A 47 12.12 -18.30 21.04
C GLY A 47 13.16 -17.98 19.99
N TYR A 48 13.44 -16.71 19.73
CA TYR A 48 14.50 -16.41 18.80
C TYR A 48 15.41 -15.33 19.39
N ALA A 49 16.36 -14.83 18.60
CA ALA A 49 17.37 -13.91 19.11
C ALA A 49 16.74 -12.63 19.66
N PHE A 50 15.95 -11.93 18.83
CA PHE A 50 15.37 -10.64 19.19
C PHE A 50 14.20 -10.74 20.16
N ALA A 51 13.88 -11.93 20.68
CA ALA A 51 13.06 -11.97 21.87
C ALA A 51 13.76 -11.28 23.03
N LYS A 52 15.10 -11.38 23.08
CA LYS A 52 15.89 -10.85 24.18
C LYS A 52 16.13 -9.35 24.03
N ASP A 53 16.66 -8.93 22.87
CA ASP A 53 17.09 -7.54 22.72
C ASP A 53 17.02 -7.11 21.26
N TYR A 54 16.22 -6.09 21.01
CA TYR A 54 16.15 -5.34 19.77
C TYR A 54 16.29 -3.88 20.18
N LYS A 55 16.99 -3.08 19.36
CA LYS A 55 17.21 -1.67 19.67
C LYS A 55 17.05 -0.84 18.42
N ALA A 56 17.04 0.48 18.62
CA ALA A 56 17.16 1.40 17.50
C ALA A 56 18.52 1.23 16.87
N PRO A 57 18.65 1.59 15.61
CA PRO A 57 19.98 1.62 14.98
C PRO A 57 20.56 3.01 15.08
N ARG A 58 21.53 3.21 15.96
CA ARG A 58 22.18 4.51 16.08
C ARG A 58 23.42 4.53 15.18
N GLY A 59 24.23 5.58 15.29
CA GLY A 59 25.29 5.84 14.33
C GLY A 59 26.43 4.81 14.34
N HIS A 60 27.31 4.94 13.33
CA HIS A 60 28.22 3.87 12.97
C HIS A 60 29.31 3.61 13.98
N MET A 61 29.70 4.64 14.76
CA MET A 61 30.77 4.47 15.75
C MET A 61 30.38 3.58 16.90
N TYR A 62 29.17 2.97 16.82
CA TYR A 62 28.61 2.18 17.90
C TYR A 62 28.39 0.71 17.54
N ALA A 63 28.55 0.32 16.28
CA ALA A 63 28.19 -1.03 15.85
C ALA A 63 29.00 -2.09 16.56
N VAL A 64 30.32 -1.85 16.72
CA VAL A 64 31.14 -2.76 17.51
C VAL A 64 30.98 -2.49 19.00
N THR A 65 30.44 -1.32 19.37
CA THR A 65 30.00 -1.16 20.75
C THR A 65 28.62 -1.80 20.95
N ASP A 66 27.74 -1.74 19.94
CA ASP A 66 26.38 -2.29 20.09
C ASP A 66 26.38 -3.82 20.02
N VAL A 67 27.15 -4.41 19.08
CA VAL A 67 27.21 -5.86 18.93
C VAL A 67 28.07 -6.55 19.98
N ARG A 68 28.83 -5.78 20.76
CA ARG A 68 29.42 -6.31 21.98
C ARG A 68 28.42 -6.39 23.12
N ASN A 69 27.21 -5.86 22.94
CA ASN A 69 26.31 -5.56 24.05
C ASN A 69 24.90 -6.12 23.88
N THR A 70 24.43 -6.26 22.65
CA THR A 70 23.06 -6.72 22.42
C THR A 70 22.90 -8.15 22.91
N LEU A 71 22.00 -8.35 23.88
CA LEU A 71 21.91 -9.64 24.58
C LEU A 71 21.76 -10.82 23.65
N ARG A 72 21.42 -10.56 22.38
CA ARG A 72 21.49 -11.57 21.33
C ARG A 72 22.83 -12.31 21.36
N THR A 73 23.93 -11.55 21.38
CA THR A 73 25.26 -12.15 21.36
C THR A 73 25.52 -13.03 22.60
N GLY A 74 24.87 -12.74 23.72
CA GLY A 74 25.02 -13.57 24.89
C GLY A 74 26.31 -13.32 25.63
N ALA A 75 26.63 -14.26 26.52
CA ALA A 75 27.78 -14.18 27.43
C ALA A 75 28.64 -15.42 27.25
N PRO A 76 29.53 -15.45 26.25
CA PRO A 76 30.55 -16.49 26.21
C PRO A 76 31.49 -16.35 27.39
N LYS A 77 31.84 -17.51 27.98
CA LYS A 77 32.83 -17.58 29.06
C LYS A 77 34.26 -17.62 28.52
N ASN A 78 34.54 -18.36 27.44
CA ASN A 78 35.86 -18.29 26.83
C ASN A 78 35.76 -17.69 25.44
N ALA A 79 35.86 -18.54 24.41
CA ALA A 79 35.68 -18.15 23.01
C ALA A 79 35.43 -19.38 22.15
N GLU A 80 35.37 -20.56 22.78
CA GLU A 80 34.68 -21.73 22.22
C GLU A 80 33.19 -21.67 22.47
N ASP A 81 32.76 -20.62 23.17
CA ASP A 81 31.47 -20.37 23.80
C ASP A 81 30.64 -19.43 22.91
N GLY A 82 29.66 -18.75 23.51
CA GLY A 82 28.81 -17.84 22.79
C GLY A 82 27.64 -18.51 22.11
N PRO A 83 26.46 -17.90 22.18
CA PRO A 83 25.35 -18.43 21.38
C PRO A 83 25.54 -18.30 19.87
N LEU A 84 26.12 -17.20 19.36
CA LEU A 84 26.11 -16.86 17.93
C LEU A 84 27.47 -17.11 17.27
N PRO A 85 27.52 -17.06 15.91
CA PRO A 85 28.78 -17.36 15.21
C PRO A 85 29.54 -16.16 14.64
N MET A 86 30.50 -16.47 13.78
CA MET A 86 31.43 -15.47 13.25
C MET A 86 30.71 -14.41 12.46
N ALA A 87 29.91 -14.85 11.49
CA ALA A 87 29.38 -13.96 10.47
C ALA A 87 28.60 -12.76 11.02
N CYS A 88 28.52 -12.63 12.35
CA CYS A 88 27.94 -11.42 12.91
C CYS A 88 28.90 -10.24 12.88
N TRP A 89 30.21 -10.48 12.98
CA TRP A 89 31.14 -9.37 12.77
C TRP A 89 31.17 -8.93 11.32
N SER A 90 30.49 -9.64 10.40
CA SER A 90 30.64 -9.36 8.97
C SER A 90 30.45 -7.89 8.64
N CYS A 91 29.47 -7.25 9.31
CA CYS A 91 28.96 -5.96 8.89
C CYS A 91 29.13 -4.90 9.99
N LYS A 92 30.06 -5.11 10.91
CA LYS A 92 30.11 -4.26 12.07
C LYS A 92 31.45 -3.57 12.29
N SER A 93 32.43 -3.73 11.40
CA SER A 93 33.74 -3.12 11.63
C SER A 93 34.58 -3.21 10.35
N PRO A 94 35.66 -2.41 10.25
CA PRO A 94 36.65 -2.59 9.15
C PRO A 94 37.62 -3.76 9.31
N ASP A 95 37.88 -4.27 10.52
CA ASP A 95 38.74 -5.44 10.68
C ASP A 95 38.29 -6.62 9.82
N VAL A 96 37.15 -6.52 9.15
CA VAL A 96 36.50 -7.67 8.54
C VAL A 96 37.22 -8.09 7.26
N PRO A 97 37.42 -7.22 6.27
CA PRO A 97 38.20 -7.66 5.11
C PRO A 97 39.64 -8.00 5.48
N ARG A 98 40.18 -7.37 6.53
CA ARG A 98 41.53 -7.71 6.99
C ARG A 98 41.64 -9.17 7.41
N LEU A 99 40.52 -9.85 7.65
CA LEU A 99 40.50 -11.26 7.97
C LEU A 99 40.27 -12.14 6.74
N ILE A 100 39.36 -11.76 5.85
CA ILE A 100 39.20 -12.57 4.64
C ILE A 100 40.44 -12.41 3.75
N GLU A 101 41.04 -11.22 3.74
CA GLU A 101 42.25 -10.95 2.96
C GLU A 101 43.52 -11.36 3.66
N GLU A 102 43.43 -12.21 4.68
CA GLU A 102 44.61 -12.83 5.27
C GLU A 102 44.58 -14.35 5.21
N GLN A 103 43.45 -14.95 4.80
CA GLN A 103 43.28 -16.40 4.86
C GLN A 103 42.08 -16.91 4.09
N GLY A 104 41.12 -16.03 3.79
CA GLY A 104 39.94 -16.35 3.00
C GLY A 104 38.71 -16.69 3.84
N GLU A 105 37.57 -16.73 3.16
CA GLU A 105 36.27 -16.89 3.83
C GLU A 105 36.21 -18.18 4.65
N ASP A 106 36.66 -19.31 4.08
CA ASP A 106 36.81 -20.54 4.85
C ASP A 106 37.35 -20.21 6.24
N GLY A 107 38.43 -19.43 6.31
CA GLY A 107 39.10 -19.12 7.58
C GLY A 107 38.34 -18.16 8.47
N TYR A 108 37.46 -17.35 7.88
CA TYR A 108 36.66 -16.38 8.63
C TYR A 108 35.51 -17.07 9.36
N PHE A 109 34.46 -17.42 8.60
CA PHE A 109 33.16 -17.74 9.18
C PHE A 109 33.20 -19.00 10.04
N LYS A 110 34.09 -19.94 9.74
CA LYS A 110 34.23 -21.14 10.55
C LYS A 110 34.70 -20.79 11.95
N GLY A 111 33.77 -20.44 12.85
CA GLY A 111 34.13 -20.06 14.20
C GLY A 111 32.91 -19.70 15.01
N LYS A 112 33.15 -19.40 16.29
CA LYS A 112 32.12 -18.86 17.17
C LYS A 112 32.19 -17.35 17.13
N TRP A 113 31.20 -16.72 17.76
CA TRP A 113 31.14 -15.26 17.75
C TRP A 113 32.37 -14.69 18.46
N ALA A 114 32.53 -15.01 19.75
CA ALA A 114 33.62 -14.51 20.57
C ALA A 114 34.95 -15.17 20.26
N LYS A 115 35.03 -16.04 19.24
CA LYS A 115 36.32 -16.49 18.72
C LYS A 115 37.13 -15.31 18.21
N GLY A 116 36.49 -14.42 17.45
CA GLY A 116 37.13 -13.22 16.93
C GLY A 116 36.80 -11.97 17.71
N GLY A 117 36.77 -12.11 19.04
CA GLY A 117 36.47 -10.99 19.91
C GLY A 117 37.42 -9.83 19.73
N PRO A 118 38.70 -9.99 20.20
CA PRO A 118 39.69 -8.91 20.10
C PRO A 118 40.47 -8.91 18.79
N GLU A 119 39.83 -9.43 17.73
CA GLU A 119 40.35 -9.28 16.38
C GLU A 119 39.60 -8.23 15.57
N VAL A 120 38.33 -7.99 15.91
CA VAL A 120 37.50 -6.91 15.36
C VAL A 120 37.29 -5.91 16.49
N THR A 121 37.93 -4.74 16.37
CA THR A 121 37.79 -3.73 17.40
C THR A 121 37.36 -2.37 16.84
N ASN A 122 38.15 -1.78 15.92
CA ASN A 122 37.83 -0.46 15.37
C ASN A 122 36.42 -0.44 14.77
N THR A 123 35.61 0.53 15.20
CA THR A 123 34.24 0.55 14.73
C THR A 123 34.19 0.95 13.25
N ILE A 124 33.00 0.88 12.65
CA ILE A 124 32.86 0.89 11.21
C ILE A 124 33.62 2.06 10.58
N GLY A 125 34.19 1.85 9.40
CA GLY A 125 34.95 2.91 8.79
C GLY A 125 35.58 2.63 7.43
N CYS A 126 36.59 3.43 7.09
CA CYS A 126 37.19 3.60 5.76
C CYS A 126 37.29 2.35 4.89
N SER A 127 38.25 1.47 5.17
CA SER A 127 38.55 0.39 4.23
C SER A 127 37.37 -0.57 4.05
N ASP A 128 36.25 -0.31 4.74
CA ASP A 128 35.00 -1.02 4.49
C ASP A 128 34.34 -0.53 3.21
N CYS A 129 34.59 0.73 2.86
CA CYS A 129 34.14 1.28 1.59
C CYS A 129 35.28 1.58 0.63
N HIS A 130 36.55 1.48 1.03
CA HIS A 130 37.63 2.14 0.30
C HIS A 130 38.82 1.23 0.01
N GLU A 131 39.65 1.69 -0.93
CA GLU A 131 40.99 1.16 -1.14
C GLU A 131 42.01 1.91 -0.29
N LYS A 132 42.80 1.16 0.50
CA LYS A 132 43.75 1.68 1.49
C LYS A 132 44.44 2.96 1.05
N GLY A 133 43.99 4.10 1.56
CA GLY A 133 44.44 5.40 1.13
C GLY A 133 43.60 5.94 -0.02
N SER A 134 43.27 5.10 -0.99
CA SER A 134 42.61 5.56 -2.21
C SER A 134 41.21 6.06 -1.86
N PRO A 135 40.81 7.31 -2.27
CA PRO A 135 39.42 7.76 -2.10
C PRO A 135 38.44 7.16 -3.12
N LYS A 136 38.47 5.82 -3.25
CA LYS A 136 37.65 5.10 -4.21
C LYS A 136 36.90 3.96 -3.54
N LEU A 137 35.68 3.71 -4.04
CA LEU A 137 34.71 2.82 -3.40
C LEU A 137 34.87 1.41 -3.95
N ARG A 138 35.69 0.61 -3.28
CA ARG A 138 35.79 -0.82 -3.57
C ARG A 138 34.83 -1.61 -2.68
N ILE A 139 34.54 -2.85 -3.11
CA ILE A 139 33.64 -3.75 -2.39
C ILE A 139 34.50 -4.60 -1.47
N SER A 140 34.59 -4.17 -0.21
CA SER A 140 35.46 -4.80 0.76
C SER A 140 35.09 -6.23 1.05
N ARG A 141 33.85 -6.64 0.77
CA ARG A 141 33.42 -7.99 1.05
C ARG A 141 33.39 -8.81 -0.22
N PRO A 142 33.43 -10.14 -0.09
CA PRO A 142 33.40 -11.00 -1.30
C PRO A 142 32.05 -11.68 -1.50
N TYR A 143 31.33 -11.96 -0.39
CA TYR A 143 29.97 -12.50 -0.47
C TYR A 143 29.02 -11.52 -1.13
N VAL A 144 29.32 -10.23 -1.01
CA VAL A 144 28.66 -9.17 -1.73
C VAL A 144 28.87 -9.40 -3.22
N ASP A 145 30.11 -9.25 -3.69
CA ASP A 145 30.32 -9.29 -5.13
C ASP A 145 29.90 -10.61 -5.75
N ARG A 146 29.55 -11.63 -4.95
CA ARG A 146 29.05 -12.90 -5.47
C ARG A 146 27.54 -12.91 -5.61
N ALA A 147 26.84 -12.20 -4.71
CA ALA A 147 25.41 -11.96 -4.83
C ALA A 147 25.11 -10.93 -5.92
N LEU A 148 25.90 -9.85 -5.95
CA LEU A 148 25.78 -8.87 -7.01
C LEU A 148 26.00 -9.48 -8.39
N ASP A 149 26.88 -10.49 -8.50
CA ASP A 149 27.06 -11.22 -9.76
C ASP A 149 25.87 -12.11 -10.07
N ALA A 150 24.93 -12.26 -9.14
CA ALA A 150 23.77 -13.14 -9.29
C ALA A 150 22.49 -12.38 -9.57
N ILE A 151 22.57 -11.06 -9.69
CA ILE A 151 21.43 -10.24 -10.12
C ILE A 151 21.72 -9.53 -11.44
N GLY A 152 22.87 -9.81 -12.05
CA GLY A 152 23.23 -9.23 -13.32
C GLY A 152 23.93 -7.89 -13.27
N THR A 153 24.33 -7.40 -12.09
CA THR A 153 24.92 -6.05 -11.98
C THR A 153 26.13 -6.05 -11.07
N PRO A 154 27.21 -6.73 -11.48
CA PRO A 154 28.44 -6.70 -10.68
C PRO A 154 29.01 -5.28 -10.60
N PHE A 155 30.00 -5.11 -9.73
CA PHE A 155 30.41 -3.75 -9.42
C PHE A 155 31.04 -3.06 -10.62
N SER A 156 31.63 -3.83 -11.54
CA SER A 156 32.33 -3.23 -12.68
C SER A 156 31.39 -2.40 -13.54
N LYS A 157 30.22 -2.96 -13.88
CA LYS A 157 29.19 -2.27 -14.67
C LYS A 157 28.94 -0.88 -14.09
N ALA A 158 27.98 -0.83 -13.18
CA ALA A 158 27.71 0.27 -12.26
C ALA A 158 28.10 1.65 -12.78
N SER A 159 27.19 2.31 -13.50
CA SER A 159 27.29 3.74 -13.70
C SER A 159 27.54 4.37 -12.34
N LYS A 160 28.25 5.50 -12.30
CA LYS A 160 28.84 5.92 -11.04
C LYS A 160 27.80 6.11 -9.93
N GLN A 161 26.50 6.13 -10.28
CA GLN A 161 25.42 6.12 -9.27
C GLN A 161 25.17 4.72 -8.75
N ASP A 162 25.10 3.74 -9.66
CA ASP A 162 24.95 2.34 -9.25
C ASP A 162 26.00 1.97 -8.21
N LYS A 163 27.28 2.10 -8.59
CA LYS A 163 28.40 2.02 -7.66
C LYS A 163 28.04 2.59 -6.30
N GLU A 164 27.66 3.88 -6.28
CA GLU A 164 27.46 4.65 -5.05
C GLU A 164 26.62 3.90 -4.03
N SER A 165 25.53 3.29 -4.49
CA SER A 165 24.57 2.58 -3.65
C SER A 165 24.92 1.13 -3.44
N MET A 166 26.00 0.65 -4.08
CA MET A 166 26.42 -0.74 -3.88
C MET A 166 27.32 -0.91 -2.66
N VAL A 167 28.10 0.12 -2.29
CA VAL A 167 28.93 -0.02 -1.09
C VAL A 167 28.11 0.12 0.19
N CYS A 168 26.88 0.65 0.11
CA CYS A 168 25.94 0.50 1.20
C CYS A 168 25.34 -0.89 1.22
N ALA A 169 25.50 -1.63 0.13
CA ALA A 169 24.80 -2.90 -0.11
C ALA A 169 25.58 -4.10 0.42
N GLN A 170 26.67 -3.87 1.13
CA GLN A 170 27.38 -4.96 1.76
C GLN A 170 26.86 -5.26 3.14
N CYS A 171 26.27 -4.27 3.80
CA CYS A 171 25.83 -4.46 5.18
C CYS A 171 24.33 -4.15 5.33
N HIS A 172 23.80 -3.22 4.53
CA HIS A 172 22.39 -2.82 4.60
C HIS A 172 21.58 -3.67 3.63
N VAL A 173 21.41 -4.93 4.03
CA VAL A 173 20.79 -5.95 3.18
C VAL A 173 20.17 -7.01 4.06
N GLU A 174 19.35 -7.88 3.48
CA GLU A 174 18.81 -9.05 4.15
C GLU A 174 19.75 -10.23 3.95
N TYR A 175 20.14 -10.89 5.04
CA TYR A 175 21.19 -11.89 5.00
C TYR A 175 20.72 -13.16 5.71
N TYR A 176 21.24 -14.30 5.27
CA TYR A 176 21.16 -15.53 6.06
C TYR A 176 22.52 -16.21 6.07
N PHE A 177 22.91 -16.69 7.24
CA PHE A 177 24.00 -17.66 7.33
C PHE A 177 23.54 -18.93 6.62
N GLU A 178 24.48 -19.61 5.95
CA GLU A 178 24.13 -20.85 5.25
C GLU A 178 24.22 -22.05 6.19
N LYS A 179 23.39 -23.06 5.90
CA LYS A 179 23.40 -24.30 6.67
C LYS A 179 24.28 -25.38 6.06
N LYS A 180 24.39 -25.43 4.71
CA LYS A 180 25.04 -26.54 4.03
C LYS A 180 26.52 -26.70 4.40
N GLU A 181 26.95 -27.95 4.58
CA GLU A 181 28.20 -28.25 5.27
C GLU A 181 29.41 -27.55 4.68
N ASP A 182 29.44 -27.37 3.35
CA ASP A 182 30.64 -26.89 2.65
C ASP A 182 30.72 -25.37 2.56
N LYS A 183 29.57 -24.70 2.49
CA LYS A 183 29.45 -23.25 2.64
C LYS A 183 28.90 -22.89 4.01
N LYS A 184 29.32 -23.62 5.03
CA LYS A 184 28.74 -23.50 6.35
C LYS A 184 29.23 -22.24 7.06
N GLY A 185 28.34 -21.60 7.82
CA GLY A 185 28.67 -20.41 8.56
C GLY A 185 28.87 -19.16 7.72
N PHE A 186 28.97 -19.31 6.39
CA PHE A 186 29.11 -18.19 5.47
C PHE A 186 27.84 -17.37 5.40
N VAL A 187 28.00 -16.05 5.27
CA VAL A 187 26.88 -15.19 4.95
C VAL A 187 26.47 -15.40 3.48
N LYS A 188 25.18 -15.28 3.22
CA LYS A 188 24.69 -15.35 1.86
C LYS A 188 23.45 -14.46 1.76
N PHE A 189 23.37 -13.70 0.67
CA PHE A 189 22.17 -12.90 0.44
C PHE A 189 21.25 -13.63 -0.55
N PRO A 190 19.82 -13.71 -0.21
CA PRO A 190 18.86 -14.58 -0.90
C PRO A 190 18.34 -14.06 -2.23
N TRP A 191 19.24 -13.51 -3.05
CA TRP A 191 18.85 -12.81 -4.27
C TRP A 191 18.82 -13.74 -5.48
N ASP A 192 18.96 -15.06 -5.27
CA ASP A 192 19.00 -15.97 -6.40
C ASP A 192 17.71 -15.99 -7.21
N MET A 193 16.64 -15.42 -6.70
CA MET A 193 15.40 -15.39 -7.46
C MET A 193 14.97 -14.02 -7.97
N GLY A 194 15.09 -12.93 -7.20
CA GLY A 194 15.55 -12.88 -5.83
C GLY A 194 15.18 -11.65 -5.01
N VAL A 195 15.29 -10.45 -5.60
CA VAL A 195 15.29 -9.21 -4.82
C VAL A 195 14.00 -8.97 -4.05
N THR A 196 12.85 -9.41 -4.59
CA THR A 196 11.56 -9.03 -4.04
C THR A 196 11.15 -9.97 -2.92
N VAL A 197 10.14 -9.52 -2.15
CA VAL A 197 9.56 -10.32 -1.06
C VAL A 197 9.11 -11.67 -1.60
N ASP A 198 8.46 -11.66 -2.76
CA ASP A 198 7.96 -12.87 -3.38
C ASP A 198 9.09 -13.73 -3.94
N GLN A 199 10.20 -13.09 -4.34
CA GLN A 199 11.32 -13.79 -4.97
C GLN A 199 12.24 -14.39 -3.93
N MET A 200 12.43 -13.75 -2.79
CA MET A 200 13.12 -14.41 -1.68
C MET A 200 12.27 -15.52 -1.06
N GLU A 201 10.95 -15.47 -1.23
CA GLU A 201 10.12 -16.55 -0.70
C GLU A 201 10.39 -17.85 -1.46
N VAL A 202 10.20 -17.85 -2.79
CA VAL A 202 10.46 -19.06 -3.56
C VAL A 202 11.83 -19.61 -3.24
N TYR A 203 12.81 -18.72 -3.07
CA TYR A 203 14.15 -19.17 -2.70
C TYR A 203 14.15 -19.81 -1.32
N TYR A 204 13.84 -19.04 -0.26
CA TYR A 204 13.91 -19.56 1.11
C TYR A 204 13.09 -20.82 1.30
N ASP A 205 12.10 -21.06 0.44
CA ASP A 205 11.28 -22.25 0.45
C ASP A 205 11.95 -23.42 -0.26
N GLY A 206 11.93 -23.42 -1.59
CA GLY A 206 12.50 -24.48 -2.40
C GLY A 206 13.74 -25.11 -1.83
N ILE A 207 14.50 -24.32 -1.07
CA ILE A 207 15.76 -24.76 -0.46
C ILE A 207 15.59 -25.17 1.00
N GLU A 208 14.42 -24.96 1.62
CA GLU A 208 14.03 -25.56 2.91
C GLU A 208 14.76 -24.95 4.11
N PHE A 209 14.93 -23.62 4.12
CA PHE A 209 15.70 -22.93 5.16
C PHE A 209 14.80 -22.31 6.24
N SER A 210 15.35 -22.21 7.47
CA SER A 210 14.54 -21.86 8.64
C SER A 210 15.45 -21.29 9.72
N ASP A 211 15.34 -19.99 9.97
CA ASP A 211 16.13 -19.33 11.00
C ASP A 211 15.87 -19.90 12.39
N TRP A 212 14.66 -20.35 12.67
CA TRP A 212 14.37 -20.93 13.98
C TRP A 212 12.96 -21.49 13.94
N THR A 213 12.71 -22.48 14.81
CA THR A 213 11.41 -23.15 14.94
C THR A 213 10.64 -22.47 16.08
N HIS A 214 9.55 -21.77 15.75
CA HIS A 214 8.85 -20.86 16.69
C HIS A 214 8.42 -21.61 17.95
N ALA A 215 8.49 -20.93 19.09
CA ALA A 215 8.26 -21.61 20.36
C ALA A 215 6.80 -21.64 20.79
N LEU A 216 5.92 -20.87 20.13
CA LEU A 216 4.48 -20.90 20.40
C LEU A 216 3.76 -21.76 19.38
N SER A 217 3.86 -21.39 18.11
CA SER A 217 3.13 -22.06 17.06
C SER A 217 3.91 -23.21 16.46
N LYS A 218 5.13 -23.44 16.93
CA LYS A 218 6.03 -24.44 16.36
C LYS A 218 5.95 -24.42 14.85
N THR A 219 6.28 -23.23 14.29
CA THR A 219 6.47 -22.92 12.88
C THR A 219 7.95 -22.98 12.56
N PRO A 220 8.33 -23.42 11.36
CA PRO A 220 9.70 -23.16 10.92
C PRO A 220 9.85 -21.73 10.45
N MET A 221 10.14 -20.83 11.40
CA MET A 221 10.06 -19.39 11.19
C MET A 221 11.14 -18.90 10.23
N LEU A 222 10.99 -17.65 9.81
CA LEU A 222 11.94 -16.95 8.96
C LEU A 222 12.19 -15.57 9.54
N LYS A 223 13.45 -15.16 9.55
CA LYS A 223 13.78 -13.80 9.94
C LYS A 223 14.02 -12.95 8.70
N ALA A 224 13.63 -11.69 8.78
CA ALA A 224 13.87 -10.72 7.74
C ALA A 224 14.68 -9.60 8.36
N GLN A 225 15.95 -9.48 7.97
CA GLN A 225 16.86 -8.60 8.69
C GLN A 225 17.19 -7.40 7.82
N HIS A 226 16.75 -6.22 8.27
CA HIS A 226 17.03 -4.90 7.73
C HIS A 226 17.42 -4.95 6.26
N PRO A 227 16.49 -5.23 5.36
CA PRO A 227 16.76 -5.01 3.93
C PRO A 227 16.53 -3.57 3.52
N GLU A 228 17.61 -2.84 3.28
CA GLU A 228 17.43 -1.53 2.68
C GLU A 228 17.56 -1.58 1.16
N TYR A 229 18.64 -2.17 0.62
CA TYR A 229 18.83 -2.17 -0.83
C TYR A 229 17.58 -2.65 -1.54
N GLU A 230 17.01 -3.76 -1.05
CA GLU A 230 15.94 -4.42 -1.78
C GLU A 230 14.68 -3.56 -1.81
N THR A 231 14.22 -3.11 -0.64
CA THR A 231 13.12 -2.13 -0.60
C THR A 231 13.48 -0.88 -1.40
N TRP A 232 14.66 -0.31 -1.15
CA TRP A 232 15.09 0.87 -1.90
C TRP A 232 15.05 0.62 -3.40
N LYS A 233 15.31 -0.59 -3.83
CA LYS A 233 15.32 -0.82 -5.26
C LYS A 233 13.92 -0.62 -5.85
N MET A 234 12.87 -0.81 -5.05
CA MET A 234 11.48 -0.74 -5.52
C MET A 234 10.87 0.65 -5.41
N GLY A 235 11.52 1.54 -4.63
CA GLY A 235 11.02 2.87 -4.44
C GLY A 235 11.22 3.74 -5.66
N ILE A 236 10.49 4.86 -5.66
CA ILE A 236 10.49 5.69 -6.85
C ILE A 236 11.92 6.12 -7.21
N HIS A 237 12.72 6.55 -6.21
CA HIS A 237 14.08 7.04 -6.52
C HIS A 237 14.99 5.90 -6.94
N GLY A 238 14.85 4.75 -6.29
CA GLY A 238 15.41 3.53 -6.82
C GLY A 238 15.18 3.49 -8.31
N LYS A 239 13.93 3.61 -8.73
CA LYS A 239 13.65 3.52 -10.16
C LYS A 239 14.17 4.71 -10.96
N ASN A 240 14.78 5.70 -10.30
CA ASN A 240 15.36 6.87 -10.94
C ASN A 240 16.86 6.96 -10.75
N ASN A 241 17.46 5.96 -10.14
CA ASN A 241 18.90 5.94 -9.89
C ASN A 241 19.33 7.15 -9.06
N VAL A 242 18.69 7.26 -7.90
CA VAL A 242 18.96 8.32 -6.94
C VAL A 242 19.66 7.72 -5.74
N SER A 243 20.95 7.44 -5.88
CA SER A 243 21.74 6.67 -4.93
C SER A 243 21.50 7.02 -3.45
N CYS A 244 21.76 6.03 -2.56
CA CYS A 244 21.65 6.25 -1.13
C CYS A 244 22.53 7.39 -0.66
N VAL A 245 23.56 7.73 -1.45
CA VAL A 245 24.49 8.78 -1.09
C VAL A 245 23.80 10.14 -1.09
N ASP A 246 22.96 10.41 -2.12
CA ASP A 246 22.28 11.70 -2.26
C ASP A 246 21.61 12.13 -0.97
N CYS A 247 20.83 11.21 -0.38
CA CYS A 247 20.01 11.51 0.78
C CYS A 247 20.79 11.43 2.08
N HIS A 248 21.69 10.45 2.22
CA HIS A 248 22.35 10.25 3.50
C HIS A 248 23.81 10.74 3.52
N MET A 249 24.45 10.90 2.36
CA MET A 249 25.81 11.45 2.29
C MET A 249 25.87 12.61 1.29
N PRO A 250 25.20 13.73 1.58
CA PRO A 250 25.17 14.82 0.62
C PRO A 250 26.56 15.42 0.49
N LYS A 251 26.69 16.35 -0.44
CA LYS A 251 27.99 17.04 -0.63
C LYS A 251 27.96 18.33 0.18
N VAL A 252 28.20 18.21 1.48
CA VAL A 252 28.21 19.40 2.32
C VAL A 252 29.48 20.19 2.07
N THR A 253 29.35 21.53 2.06
CA THR A 253 30.44 22.43 1.74
C THR A 253 31.29 22.72 2.97
N SER A 254 32.60 22.78 2.76
CA SER A 254 33.59 22.77 3.85
C SER A 254 33.54 24.06 4.66
N PRO A 255 34.20 24.11 5.83
CA PRO A 255 34.35 25.40 6.50
C PRO A 255 35.35 26.26 5.79
N GLU A 256 36.35 25.65 5.14
CA GLU A 256 37.29 26.40 4.32
C GLU A 256 36.66 26.83 3.01
N GLY A 257 35.81 25.99 2.43
CA GLY A 257 35.18 26.33 1.18
C GLY A 257 35.11 25.14 0.25
N LYS A 258 35.82 24.07 0.60
CA LYS A 258 35.78 22.85 -0.21
C LYS A 258 34.36 22.29 -0.26
N LYS A 259 34.12 21.40 -1.23
CA LYS A 259 32.84 20.75 -1.42
C LYS A 259 33.18 19.26 -1.44
N PHE A 260 33.03 18.62 -0.28
CA PHE A 260 33.37 17.22 -0.02
C PHE A 260 32.13 16.43 0.38
N THR A 261 32.06 15.17 -0.04
CA THR A 261 30.94 14.33 0.33
C THR A 261 30.91 14.17 1.85
N ASP A 262 29.73 14.28 2.45
CA ASP A 262 29.60 14.20 3.90
C ASP A 262 29.75 12.75 4.32
N HIS A 263 30.69 12.48 5.23
CA HIS A 263 30.89 11.10 5.66
C HIS A 263 30.29 10.79 7.03
N LYS A 264 29.55 11.74 7.62
CA LYS A 264 28.59 11.47 8.69
C LYS A 264 27.29 10.99 8.05
N VAL A 265 27.02 9.69 8.16
CA VAL A 265 25.85 9.07 7.54
C VAL A 265 24.73 8.97 8.58
N GLY A 266 23.58 9.60 8.27
CA GLY A 266 22.41 9.59 9.11
C GLY A 266 21.14 10.14 8.47
N ASN A 267 20.87 11.40 8.70
CA ASN A 267 19.56 11.87 8.29
C ASN A 267 19.65 12.79 7.08
N PRO A 268 18.74 12.65 6.12
CA PRO A 268 18.58 13.65 5.07
C PRO A 268 17.84 14.91 5.50
N PHE A 269 17.41 15.02 6.76
CA PHE A 269 16.77 16.24 7.23
C PHE A 269 17.59 17.00 8.26
N ASP A 270 18.56 16.36 8.88
CA ASP A 270 19.64 17.05 9.55
C ASP A 270 20.54 17.69 8.55
N ARG A 271 20.12 17.57 7.30
CA ARG A 271 20.69 18.29 6.17
C ARG A 271 19.65 18.55 5.09
N PHE A 272 18.66 19.45 5.30
CA PHE A 272 17.57 19.53 4.32
C PHE A 272 17.99 20.22 3.02
N GLU A 273 19.00 21.10 3.04
CA GLU A 273 19.68 21.46 1.81
C GLU A 273 20.69 20.37 1.46
N GLU A 274 21.42 20.54 0.35
CA GLU A 274 22.34 19.50 -0.12
C GLU A 274 21.65 18.18 -0.44
N THR A 275 20.75 17.72 0.47
CA THR A 275 19.92 16.54 0.27
C THR A 275 18.68 16.94 -0.53
N CYS A 276 17.46 16.76 0.01
CA CYS A 276 16.20 17.03 -0.69
C CYS A 276 16.19 18.28 -1.56
N ALA A 277 17.00 19.29 -1.15
CA ALA A 277 17.01 20.59 -1.84
C ALA A 277 17.44 20.43 -3.28
N THR A 278 18.46 19.59 -3.54
CA THR A 278 18.92 19.48 -4.93
C THR A 278 17.91 18.79 -5.83
N CYS A 279 16.65 18.62 -5.47
CA CYS A 279 15.74 17.99 -6.41
C CYS A 279 14.31 18.48 -6.24
N HIS A 280 13.87 18.65 -4.98
CA HIS A 280 12.47 18.91 -4.69
C HIS A 280 12.31 20.29 -4.09
N SER A 281 11.37 21.04 -4.65
CA SER A 281 11.19 22.47 -4.38
C SER A 281 9.98 22.69 -3.48
N GLN A 282 10.08 22.20 -2.24
CA GLN A 282 9.09 22.45 -1.19
C GLN A 282 9.82 22.65 0.13
N THR A 283 9.10 23.13 1.14
CA THR A 283 9.73 23.48 2.41
C THR A 283 10.24 22.26 3.17
N LYS A 284 11.27 22.46 4.00
CA LYS A 284 11.79 21.35 4.82
C LYS A 284 10.67 20.65 5.55
N GLU A 285 9.66 21.40 6.00
CA GLU A 285 8.63 20.79 6.81
C GLU A 285 7.43 20.30 6.00
N PHE A 286 7.28 20.69 4.74
CA PHE A 286 6.23 20.03 3.96
C PHE A 286 6.64 18.59 3.65
N LEU A 287 7.87 18.41 3.16
CA LEU A 287 8.43 17.11 2.86
C LEU A 287 8.75 16.31 4.11
N VAL A 288 8.45 16.85 5.28
CA VAL A 288 8.60 16.11 6.53
C VAL A 288 7.21 15.63 6.96
N GLY A 289 6.17 16.39 6.61
CA GLY A 289 4.82 15.90 6.82
C GLY A 289 4.59 14.60 6.07
N VAL A 290 5.00 14.55 4.80
CA VAL A 290 4.76 13.38 3.97
C VAL A 290 5.38 12.15 4.61
N THR A 291 6.72 12.14 4.73
CA THR A 291 7.49 10.99 5.20
C THR A 291 7.09 10.53 6.60
N ASN A 292 6.17 11.26 7.25
CA ASN A 292 5.59 10.90 8.54
C ASN A 292 4.14 10.45 8.44
N GLU A 293 3.38 11.12 7.58
CA GLU A 293 2.13 10.55 7.14
C GLU A 293 2.38 9.19 6.49
N ARG A 294 3.31 9.15 5.55
CA ARG A 294 3.66 7.86 4.98
C ARG A 294 4.25 6.94 6.04
N LYS A 295 4.88 7.49 7.08
CA LYS A 295 5.44 6.58 8.08
C LYS A 295 4.34 5.94 8.91
N ALA A 296 3.25 6.64 9.16
CA ALA A 296 2.22 6.16 10.07
C ALA A 296 0.98 5.69 9.33
N LYS A 297 1.04 5.55 8.01
CA LYS A 297 0.17 4.57 7.36
C LYS A 297 0.75 3.18 7.52
N VAL A 298 2.06 3.03 7.35
CA VAL A 298 2.71 1.75 7.58
C VAL A 298 2.53 1.34 9.04
N LYS A 299 2.74 2.26 9.97
CA LYS A 299 2.58 1.91 11.38
C LYS A 299 1.19 1.35 11.63
N GLU A 300 0.18 1.90 10.97
CA GLU A 300 -1.20 1.41 11.13
C GLU A 300 -1.33 0.01 10.54
N MET A 301 -0.87 -0.18 9.31
CA MET A 301 -1.01 -1.51 8.70
C MET A 301 -0.01 -2.52 9.26
N LYS A 302 1.20 -2.10 9.65
CA LYS A 302 2.10 -3.03 10.31
C LYS A 302 1.48 -3.56 11.59
N LEU A 303 0.97 -2.68 12.44
CA LEU A 303 0.36 -3.13 13.69
C LEU A 303 -0.89 -3.98 13.42
N LYS A 304 -1.68 -3.62 12.39
CA LYS A 304 -2.81 -4.44 11.93
C LYS A 304 -2.36 -5.66 11.14
N ALA A 305 -1.05 -5.92 11.10
CA ALA A 305 -0.55 -7.22 10.68
C ALA A 305 -0.16 -8.06 11.87
N GLU A 306 0.74 -7.54 12.73
CA GLU A 306 0.97 -8.18 14.02
C GLU A 306 -0.35 -8.47 14.72
N GLU A 307 -1.37 -7.64 14.46
CA GLU A 307 -2.72 -7.89 14.91
C GLU A 307 -3.12 -9.36 14.74
N GLN A 308 -3.14 -9.82 13.48
CA GLN A 308 -3.52 -11.20 13.24
C GLN A 308 -2.50 -12.16 13.85
N LEU A 309 -1.23 -12.04 13.43
CA LEU A 309 -0.16 -13.00 13.76
C LEU A 309 -0.14 -13.40 15.22
N VAL A 310 -0.05 -12.40 16.12
CA VAL A 310 -0.01 -12.71 17.55
C VAL A 310 -1.18 -13.60 17.94
N LYS A 311 -2.37 -13.30 17.44
CA LYS A 311 -3.49 -14.21 17.64
C LYS A 311 -3.13 -15.60 17.10
N ALA A 312 -2.75 -15.69 15.81
CA ALA A 312 -2.56 -16.98 15.15
C ALA A 312 -1.42 -17.79 15.72
N HIS A 313 -0.60 -17.22 16.59
CA HIS A 313 0.42 -18.02 17.26
C HIS A 313 -0.17 -18.72 18.47
N PHE A 314 -0.90 -17.98 19.32
CA PHE A 314 -1.65 -18.61 20.40
C PHE A 314 -2.77 -19.47 19.86
N GLU A 315 -3.36 -19.08 18.75
CA GLU A 315 -4.38 -19.89 18.10
C GLU A 315 -3.76 -21.20 17.61
N ALA A 316 -2.45 -21.39 17.83
CA ALA A 316 -1.75 -22.58 17.36
C ALA A 316 -1.14 -23.39 18.47
N ALA A 317 -0.80 -22.78 19.61
CA ALA A 317 -0.35 -23.59 20.72
C ALA A 317 -1.52 -24.34 21.37
N LYS A 318 -2.70 -23.73 21.40
CA LYS A 318 -3.88 -24.44 21.85
C LYS A 318 -4.15 -25.66 20.96
N ALA A 319 -4.28 -25.44 19.65
CA ALA A 319 -4.52 -26.55 18.73
C ALA A 319 -3.44 -27.60 18.81
N TRP A 320 -2.26 -27.27 19.36
CA TRP A 320 -1.26 -28.28 19.73
C TRP A 320 -1.57 -28.90 21.09
N GLU A 321 -1.94 -28.06 22.06
CA GLU A 321 -2.25 -28.51 23.41
C GLU A 321 -3.55 -29.31 23.45
N LEU A 322 -4.54 -28.89 22.66
CA LEU A 322 -5.69 -29.73 22.37
C LEU A 322 -5.30 -30.92 21.51
N GLY A 323 -4.00 -31.19 21.40
CA GLY A 323 -3.52 -32.39 20.76
C GLY A 323 -3.79 -32.48 19.27
N ALA A 324 -2.83 -32.05 18.48
CA ALA A 324 -2.95 -32.22 17.06
C ALA A 324 -1.84 -33.15 16.59
N THR A 325 -2.07 -33.83 15.47
CA THR A 325 -0.95 -34.48 14.83
C THR A 325 -0.20 -33.47 13.98
N GLU A 326 1.06 -33.77 13.71
CA GLU A 326 1.80 -33.00 12.72
C GLU A 326 1.03 -32.90 11.40
N ALA A 327 0.42 -34.00 10.98
CA ALA A 327 -0.20 -34.06 9.65
C ALA A 327 -1.34 -33.07 9.52
N GLU A 328 -2.09 -32.82 10.60
CA GLU A 328 -3.14 -31.80 10.57
C GLU A 328 -2.55 -30.42 10.33
N MET A 329 -1.70 -29.96 11.26
CA MET A 329 -1.15 -28.60 11.31
C MET A 329 -0.17 -28.29 10.21
N LYS A 330 -0.21 -29.01 9.09
CA LYS A 330 0.87 -28.75 8.15
C LYS A 330 0.56 -27.48 7.35
N PRO A 331 -0.44 -27.46 6.45
CA PRO A 331 -0.63 -26.22 5.65
C PRO A 331 -0.95 -24.99 6.48
N ILE A 332 -1.60 -25.16 7.64
CA ILE A 332 -1.83 -24.08 8.59
C ILE A 332 -0.51 -23.41 8.97
N LEU A 333 0.56 -24.20 9.08
CA LEU A 333 1.84 -23.68 9.57
C LEU A 333 2.67 -23.06 8.46
N THR A 334 2.47 -23.48 7.21
CA THR A 334 3.20 -22.83 6.14
C THR A 334 2.67 -21.43 5.87
N ASP A 335 1.34 -21.25 5.96
CA ASP A 335 0.75 -19.92 5.90
C ASP A 335 1.34 -19.02 6.98
N ILE A 336 1.43 -19.53 8.21
CA ILE A 336 2.01 -18.72 9.28
C ILE A 336 3.41 -18.28 8.90
N ARG A 337 4.22 -19.21 8.39
CA ARG A 337 5.57 -18.90 7.93
C ARG A 337 5.56 -17.89 6.80
N HIS A 338 4.56 -17.95 5.91
CA HIS A 338 4.35 -16.96 4.85
C HIS A 338 3.76 -15.63 5.35
N ALA A 339 3.07 -15.61 6.48
CA ALA A 339 2.58 -14.33 6.97
C ALA A 339 3.70 -13.57 7.66
N GLN A 340 4.17 -14.09 8.78
CA GLN A 340 5.17 -13.41 9.59
C GLN A 340 6.53 -13.31 8.89
N TRP A 341 6.60 -13.73 7.63
CA TRP A 341 7.77 -13.45 6.79
C TRP A 341 7.57 -12.18 5.98
N ARG A 342 6.49 -12.14 5.20
CA ARG A 342 6.19 -10.94 4.43
C ARG A 342 6.03 -9.74 5.34
N TRP A 343 5.40 -9.92 6.50
CA TRP A 343 5.33 -8.83 7.47
C TRP A 343 6.72 -8.39 7.88
N ASP A 344 7.57 -9.35 8.21
CA ASP A 344 8.88 -9.02 8.79
C ASP A 344 9.81 -8.36 7.78
N LEU A 345 9.67 -8.71 6.50
CA LEU A 345 10.42 -8.03 5.45
C LEU A 345 9.87 -6.63 5.22
N ALA A 346 8.55 -6.52 5.10
CA ALA A 346 7.89 -5.25 4.91
C ALA A 346 8.35 -4.20 5.92
N ILE A 347 8.69 -4.61 7.14
CA ILE A 347 8.87 -3.61 8.18
C ILE A 347 10.20 -3.79 8.90
N ALA A 348 11.21 -4.40 8.26
CA ALA A 348 12.47 -4.61 8.95
C ALA A 348 13.46 -3.45 8.80
N SER A 349 13.33 -2.62 7.73
CA SER A 349 14.27 -1.51 7.41
C SER A 349 13.78 -0.19 8.00
N HIS A 350 14.36 0.20 9.13
CA HIS A 350 13.80 1.24 10.02
C HIS A 350 13.40 2.53 9.32
N GLY A 351 13.08 2.48 8.04
CA GLY A 351 12.66 3.65 7.34
C GLY A 351 12.41 3.25 5.91
N VAL A 352 11.51 2.28 5.71
CA VAL A 352 10.96 2.05 4.39
C VAL A 352 9.71 2.87 4.18
N ALA A 353 9.22 3.55 5.22
CA ALA A 353 8.27 4.63 5.02
C ALA A 353 8.75 5.58 3.94
N ALA A 354 10.07 5.81 3.89
CA ALA A 354 10.72 6.80 3.03
C ALA A 354 11.09 6.29 1.64
N HIS A 355 11.56 5.05 1.52
CA HIS A 355 12.16 4.57 0.28
C HIS A 355 11.12 4.16 -0.76
N ALA A 356 10.46 3.03 -0.49
CA ALA A 356 9.23 2.62 -1.17
C ALA A 356 8.24 2.44 -0.04
N PRO A 357 7.29 3.34 0.14
CA PRO A 357 6.20 3.06 1.06
C PRO A 357 5.17 2.17 0.37
N GLU A 358 4.87 2.48 -0.90
CA GLU A 358 3.84 1.75 -1.62
C GLU A 358 4.10 0.26 -1.61
N GLU A 359 5.38 -0.15 -1.59
CA GLU A 359 5.67 -1.57 -1.62
C GLU A 359 5.60 -2.21 -0.24
N ALA A 360 5.87 -1.47 0.83
CA ALA A 360 5.66 -2.04 2.13
C ALA A 360 4.19 -2.25 2.40
N LEU A 361 3.34 -1.39 1.83
CA LEU A 361 1.92 -1.53 2.11
C LEU A 361 1.34 -2.72 1.36
N ARG A 362 1.71 -2.90 0.10
CA ARG A 362 1.28 -4.10 -0.60
C ARG A 362 1.79 -5.35 0.08
N VAL A 363 3.07 -5.34 0.49
CA VAL A 363 3.67 -6.49 1.16
C VAL A 363 3.03 -6.72 2.53
N LEU A 364 2.88 -5.66 3.33
CA LEU A 364 2.12 -5.77 4.57
C LEU A 364 0.70 -6.24 4.33
N GLY A 365 0.15 -5.96 3.15
CA GLY A 365 -1.20 -6.42 2.85
C GLY A 365 -1.27 -7.93 2.64
N THR A 366 -0.36 -8.47 1.83
CA THR A 366 -0.28 -9.91 1.62
C THR A 366 -0.12 -10.68 2.94
N SER A 367 0.68 -10.15 3.87
CA SER A 367 0.84 -10.78 5.18
C SER A 367 -0.50 -11.08 5.83
N VAL A 368 -1.31 -10.03 6.01
CA VAL A 368 -2.60 -10.18 6.67
C VAL A 368 -3.52 -11.07 5.84
N ASN A 369 -3.42 -11.00 4.52
CA ASN A 369 -4.19 -11.94 3.72
C ASN A 369 -3.70 -13.37 3.89
N LYS A 370 -2.41 -13.56 4.13
CA LYS A 370 -1.91 -14.92 4.34
C LYS A 370 -2.08 -15.37 5.78
N ALA A 371 -1.97 -14.47 6.76
CA ALA A 371 -2.41 -14.85 8.09
C ALA A 371 -3.89 -15.15 8.13
N ALA A 372 -4.68 -14.46 7.30
CA ALA A 372 -6.14 -14.66 7.29
C ALA A 372 -6.51 -16.08 6.86
N ASP A 373 -5.88 -16.61 5.80
CA ASP A 373 -6.16 -17.99 5.41
C ASP A 373 -5.77 -18.96 6.52
N ALA A 374 -4.76 -18.62 7.30
CA ALA A 374 -4.31 -19.52 8.36
C ALA A 374 -5.33 -19.59 9.48
N ARG A 375 -5.83 -18.45 9.96
CA ARG A 375 -6.68 -18.51 11.16
C ARG A 375 -7.99 -19.25 10.91
N VAL A 376 -8.60 -19.12 9.73
CA VAL A 376 -9.74 -19.96 9.38
C VAL A 376 -9.35 -21.43 9.44
N LYS A 377 -8.18 -21.74 8.86
CA LYS A 377 -7.66 -23.10 8.93
C LYS A 377 -7.42 -23.53 10.38
N LEU A 378 -6.90 -22.61 11.22
CA LEU A 378 -6.81 -22.90 12.65
C LEU A 378 -8.18 -22.93 13.32
N ALA A 379 -9.12 -22.13 12.82
CA ALA A 379 -10.46 -22.09 13.40
C ALA A 379 -11.19 -23.41 13.19
N GLN A 380 -11.33 -23.85 11.92
CA GLN A 380 -11.99 -25.12 11.66
C GLN A 380 -11.30 -26.24 12.41
N LEU A 381 -9.97 -26.18 12.50
CA LEU A 381 -9.20 -27.28 13.09
C LEU A 381 -9.44 -27.36 14.60
N LEU A 382 -9.16 -26.27 15.32
CA LEU A 382 -9.46 -26.23 16.75
C LEU A 382 -10.92 -26.53 17.06
N ALA A 383 -11.82 -26.42 16.08
CA ALA A 383 -13.23 -26.72 16.28
C ALA A 383 -13.48 -28.22 16.39
N LYS A 384 -12.94 -29.02 15.46
CA LYS A 384 -13.05 -30.46 15.54
C LYS A 384 -12.38 -30.99 16.81
N LYS A 385 -11.64 -30.14 17.50
CA LYS A 385 -10.84 -30.50 18.66
C LYS A 385 -11.46 -30.03 19.97
N GLY A 386 -12.76 -29.80 19.99
CA GLY A 386 -13.40 -29.43 21.23
C GLY A 386 -13.22 -27.99 21.66
N LEU A 387 -12.76 -27.12 20.77
CA LEU A 387 -12.71 -25.68 21.03
C LEU A 387 -13.69 -24.96 20.11
N THR A 388 -14.53 -24.13 20.71
CA THR A 388 -15.46 -23.31 19.95
C THR A 388 -15.55 -21.88 20.44
N ASP A 389 -15.42 -21.63 21.73
CA ASP A 389 -15.24 -20.27 22.21
C ASP A 389 -13.85 -19.77 21.83
N PRO A 390 -13.72 -18.52 21.40
CA PRO A 390 -12.51 -18.10 20.67
C PRO A 390 -11.30 -18.08 21.59
N VAL A 391 -10.14 -18.31 20.99
CA VAL A 391 -8.90 -18.55 21.74
C VAL A 391 -8.42 -17.25 22.37
N ALA A 392 -8.23 -17.27 23.69
CA ALA A 392 -7.93 -16.09 24.49
C ALA A 392 -6.43 -15.81 24.55
N ILE A 393 -6.07 -14.53 24.50
CA ILE A 393 -4.69 -14.09 24.48
C ILE A 393 -4.41 -13.27 25.74
N PRO A 394 -3.36 -13.59 26.52
CA PRO A 394 -3.17 -12.93 27.83
C PRO A 394 -2.40 -11.61 27.73
N ASP A 395 -2.23 -10.92 28.87
CA ASP A 395 -1.63 -9.58 28.89
C ASP A 395 -0.20 -9.59 28.34
N ILE A 396 -0.04 -8.99 27.15
CA ILE A 396 1.27 -8.89 26.51
C ILE A 396 1.49 -7.43 26.12
N SER A 397 1.34 -6.55 27.11
CA SER A 397 1.22 -5.12 26.90
C SER A 397 2.54 -4.37 27.06
N THR A 398 3.47 -4.86 27.86
CA THR A 398 4.79 -4.24 27.95
C THR A 398 5.84 -5.24 27.49
N LYS A 399 7.06 -4.76 27.26
CA LYS A 399 8.14 -5.69 26.98
C LYS A 399 8.29 -6.67 28.13
N ALA A 400 8.45 -6.14 29.34
CA ALA A 400 8.74 -6.99 30.50
C ALA A 400 7.53 -7.77 30.98
N LYS A 401 6.31 -7.41 30.56
CA LYS A 401 5.15 -8.24 30.86
C LYS A 401 4.95 -9.31 29.79
N ALA A 402 5.29 -9.03 28.54
CA ALA A 402 5.25 -10.03 27.49
C ALA A 402 6.48 -10.92 27.52
N GLN A 403 7.63 -10.37 27.91
CA GLN A 403 8.84 -11.18 27.98
C GLN A 403 8.68 -12.27 29.03
N ALA A 404 8.05 -11.94 30.16
CA ALA A 404 7.74 -12.90 31.20
C ALA A 404 6.46 -13.70 30.92
N VAL A 405 5.85 -13.54 29.74
CA VAL A 405 4.78 -14.45 29.34
C VAL A 405 5.35 -15.67 28.64
N LEU A 406 6.38 -15.47 27.82
CA LEU A 406 7.13 -16.55 27.16
C LEU A 406 8.11 -17.25 28.10
N GLY A 407 8.03 -16.98 29.40
CA GLY A 407 8.98 -17.48 30.38
C GLY A 407 10.39 -17.11 30.01
N MET A 408 10.96 -16.08 30.62
CA MET A 408 12.31 -15.64 30.31
C MET A 408 12.89 -14.96 31.54
N ASP A 409 14.04 -15.45 32.00
CA ASP A 409 14.72 -14.87 33.17
C ASP A 409 15.70 -13.81 32.68
N MET A 410 15.24 -12.56 32.64
CA MET A 410 16.06 -11.45 32.19
C MET A 410 17.10 -11.02 33.22
N GLU A 411 17.05 -11.57 34.45
CA GLU A 411 18.14 -11.33 35.39
C GLU A 411 19.32 -12.24 35.10
N LYS A 412 19.07 -13.54 34.97
CA LYS A 412 20.12 -14.45 34.53
C LYS A 412 20.40 -14.36 33.03
N MET A 413 19.80 -13.40 32.33
CA MET A 413 20.35 -12.93 31.06
C MET A 413 21.04 -11.57 31.19
N ASN A 414 20.59 -10.71 32.10
CA ASN A 414 21.30 -9.46 32.39
C ASN A 414 22.50 -9.69 33.29
N ALA A 415 22.39 -10.59 34.27
CA ALA A 415 23.55 -10.85 35.12
C ALA A 415 24.70 -11.42 34.31
N GLU A 416 24.43 -12.44 33.50
CA GLU A 416 25.53 -13.04 32.73
C GLU A 416 26.12 -12.07 31.72
N LYS A 417 25.39 -11.02 31.35
CA LYS A 417 25.92 -9.97 30.48
C LYS A 417 26.48 -8.78 31.24
N GLU A 418 26.07 -8.54 32.49
CA GLU A 418 26.74 -7.48 33.22
C GLU A 418 28.07 -7.92 33.78
N ALA A 419 28.39 -9.21 33.69
CA ALA A 419 29.75 -9.68 33.91
C ALA A 419 30.56 -9.68 32.60
N PHE A 420 29.96 -10.16 31.50
CA PHE A 420 30.63 -10.13 30.20
C PHE A 420 30.94 -8.70 29.76
N LYS A 421 30.08 -7.74 30.09
CA LYS A 421 30.33 -6.32 29.79
C LYS A 421 31.37 -5.71 30.71
N LYS A 422 31.67 -6.37 31.83
CA LYS A 422 32.68 -5.95 32.80
C LYS A 422 34.00 -6.73 32.69
N ASP A 423 33.94 -8.06 32.60
CA ASP A 423 35.14 -8.89 32.48
C ASP A 423 35.61 -8.97 31.03
N MET A 424 35.10 -9.97 30.28
CA MET A 424 35.63 -10.38 28.98
C MET A 424 35.54 -9.33 27.88
N LEU A 425 35.45 -8.02 28.22
CA LEU A 425 35.36 -7.02 27.15
C LEU A 425 36.51 -6.00 27.21
N PRO A 426 36.87 -5.44 28.38
CA PRO A 426 38.21 -4.83 28.47
C PRO A 426 39.34 -5.85 28.51
N LYS A 427 39.02 -7.17 28.47
CA LYS A 427 40.00 -8.23 28.22
C LYS A 427 40.25 -8.44 26.73
N TRP A 428 39.24 -8.21 25.90
CA TRP A 428 39.44 -8.11 24.46
C TRP A 428 40.10 -6.79 24.11
N ASP A 429 39.57 -5.68 24.66
CA ASP A 429 40.18 -4.35 24.52
C ASP A 429 41.63 -4.33 24.97
N ALA A 430 42.01 -5.23 25.88
CA ALA A 430 43.41 -5.42 26.24
C ALA A 430 44.17 -5.96 25.04
N GLU A 431 43.91 -7.22 24.67
CA GLU A 431 44.60 -7.81 23.51
C GLU A 431 44.30 -7.07 22.22
N ALA A 432 43.34 -6.15 22.23
CA ALA A 432 43.13 -5.24 21.11
C ALA A 432 44.43 -4.48 20.87
N LYS A 433 44.82 -3.62 21.83
CA LYS A 433 46.00 -2.77 21.67
C LYS A 433 47.29 -3.57 21.48
N LYS A 434 47.33 -4.81 21.99
CA LYS A 434 48.48 -5.69 21.79
C LYS A 434 48.59 -6.13 20.34
N ARG A 435 47.51 -6.74 19.80
CA ARG A 435 47.51 -7.14 18.39
C ARG A 435 47.57 -5.93 17.45
N GLU A 436 47.11 -4.76 17.90
CA GLU A 436 47.26 -3.52 17.15
C GLU A 436 48.61 -2.84 17.41
N ALA A 437 49.51 -3.48 18.19
CA ALA A 437 50.86 -2.93 18.32
C ALA A 437 51.74 -3.32 17.13
N THR A 438 51.49 -4.47 16.50
CA THR A 438 52.35 -4.99 15.44
C THR A 438 52.08 -4.37 14.06
N TYR A 439 51.66 -3.10 14.03
CA TYR A 439 51.28 -2.42 12.77
C TYR A 439 52.36 -1.45 12.30
N SER B 1 -32.51 28.71 -20.86
CA SER B 1 -32.63 29.29 -19.52
C SER B 1 -31.93 30.65 -19.42
N ASP B 2 -32.25 31.39 -18.36
CA ASP B 2 -31.47 32.58 -18.01
C ASP B 2 -30.00 32.21 -17.86
N LYS B 3 -29.75 31.17 -17.07
CA LYS B 3 -28.41 30.78 -16.65
C LYS B 3 -27.80 29.65 -17.47
N THR B 4 -28.60 28.66 -17.92
CA THR B 4 -28.06 27.45 -18.53
C THR B 4 -28.59 27.21 -19.93
N GLU B 5 -27.68 26.92 -20.84
CA GLU B 5 -27.97 26.46 -22.18
C GLU B 5 -27.54 25.00 -22.27
N PRO B 6 -28.37 24.13 -22.83
CA PRO B 6 -27.96 22.72 -22.94
C PRO B 6 -27.70 22.25 -24.37
N ARG B 7 -28.11 23.01 -25.37
CA ARG B 7 -27.95 22.59 -26.76
C ARG B 7 -26.50 22.83 -27.21
N ASN B 8 -25.73 21.74 -27.36
CA ASN B 8 -24.27 21.82 -27.34
C ASN B 8 -23.65 22.38 -28.62
N GLU B 9 -24.41 22.51 -29.70
CA GLU B 9 -23.88 22.96 -30.98
C GLU B 9 -23.97 24.47 -31.17
N VAL B 10 -24.72 25.18 -30.31
CA VAL B 10 -24.82 26.64 -30.38
C VAL B 10 -23.44 27.26 -30.25
N TYR B 11 -22.51 26.57 -29.61
CA TYR B 11 -21.17 27.08 -29.41
C TYR B 11 -20.12 26.42 -30.31
N LYS B 12 -20.53 25.61 -31.30
CA LYS B 12 -19.54 24.99 -32.20
C LYS B 12 -18.67 26.07 -32.86
N ASP B 13 -19.33 27.12 -33.36
CA ASP B 13 -18.69 28.37 -33.75
C ASP B 13 -18.80 29.38 -32.61
N LYS B 14 -17.83 30.29 -32.53
CA LYS B 14 -17.61 31.28 -31.47
C LYS B 14 -16.80 30.66 -30.34
N PHE B 15 -16.48 29.36 -30.42
CA PHE B 15 -15.51 28.66 -29.58
C PHE B 15 -14.99 27.51 -30.42
N LYS B 16 -14.39 27.83 -31.56
CA LYS B 16 -14.17 26.83 -32.60
C LYS B 16 -13.36 25.63 -32.10
N ASN B 17 -12.10 25.86 -31.64
CA ASN B 17 -11.24 24.75 -31.22
C ASN B 17 -11.75 24.03 -29.97
N GLN B 18 -12.20 24.78 -28.97
CA GLN B 18 -12.60 24.18 -27.70
C GLN B 18 -13.81 23.28 -27.86
N TYR B 19 -14.63 23.53 -28.89
CA TYR B 19 -15.77 22.65 -29.13
C TYR B 19 -15.31 21.31 -29.72
N ASN B 20 -14.49 21.33 -30.77
CA ASN B 20 -14.20 20.10 -31.49
C ASN B 20 -13.29 19.15 -30.72
N SER B 21 -12.52 19.65 -29.75
CA SER B 21 -11.82 18.76 -28.84
C SER B 21 -12.77 18.15 -27.82
N TRP B 22 -13.85 18.86 -27.48
CA TRP B 22 -14.96 18.30 -26.70
C TRP B 22 -15.72 17.23 -27.46
N HIS B 23 -15.61 17.22 -28.79
CA HIS B 23 -16.20 16.15 -29.56
C HIS B 23 -15.28 14.94 -29.58
N ASP B 24 -13.98 15.14 -29.43
CA ASP B 24 -13.00 14.05 -29.39
C ASP B 24 -13.18 13.20 -28.14
N THR B 25 -14.17 13.52 -27.28
CA THR B 25 -14.65 12.60 -26.28
C THR B 25 -15.66 11.61 -26.85
N ALA B 26 -15.72 11.47 -28.18
CA ALA B 26 -16.26 10.29 -28.84
C ALA B 26 -15.17 9.47 -29.50
N LYS B 27 -13.90 9.84 -29.29
CA LYS B 27 -12.73 9.06 -29.69
C LYS B 27 -12.35 8.00 -28.67
N SER B 28 -13.30 7.56 -27.85
CA SER B 28 -13.06 6.51 -26.87
C SER B 28 -14.40 5.82 -26.63
N GLU B 29 -14.66 4.76 -27.42
CA GLU B 29 -15.95 4.06 -27.44
C GLU B 29 -15.73 2.55 -27.30
N GLU B 30 -15.66 2.04 -26.07
CA GLU B 30 -15.47 0.60 -25.93
C GLU B 30 -16.15 0.09 -24.66
N LEU B 31 -17.22 -0.68 -24.85
CA LEU B 31 -17.85 -1.44 -23.77
C LEU B 31 -16.82 -2.35 -23.12
N VAL B 32 -16.43 -2.01 -21.89
CA VAL B 32 -15.56 -2.86 -21.10
C VAL B 32 -16.39 -3.60 -20.06
N ASP B 33 -17.00 -4.73 -20.46
CA ASP B 33 -17.83 -5.50 -19.53
C ASP B 33 -16.97 -5.91 -18.34
N ALA B 34 -16.80 -5.02 -17.36
CA ALA B 34 -16.02 -5.36 -16.19
C ALA B 34 -16.74 -6.26 -15.27
N LEU B 35 -17.90 -6.82 -15.65
CA LEU B 35 -18.55 -7.93 -14.95
C LEU B 35 -18.15 -9.28 -15.52
N GLU B 36 -17.77 -9.31 -16.79
CA GLU B 36 -17.15 -10.46 -17.43
C GLU B 36 -15.65 -10.47 -17.22
N GLN B 37 -15.06 -9.30 -16.94
CA GLN B 37 -13.63 -9.14 -16.63
C GLN B 37 -13.30 -9.63 -15.23
N ASP B 38 -14.08 -9.21 -14.22
CA ASP B 38 -13.85 -9.57 -12.83
C ASP B 38 -15.13 -10.20 -12.27
N PRO B 39 -15.54 -11.36 -12.79
CA PRO B 39 -16.82 -11.95 -12.35
C PRO B 39 -16.93 -12.24 -10.85
N ASN B 40 -15.88 -11.96 -10.08
CA ASN B 40 -15.98 -11.99 -8.63
C ASN B 40 -16.69 -10.77 -8.09
N MET B 41 -17.19 -9.90 -8.95
CA MET B 41 -18.00 -8.79 -8.48
C MET B 41 -19.48 -9.04 -8.68
N VAL B 42 -19.87 -9.88 -9.62
CA VAL B 42 -21.25 -10.34 -9.64
C VAL B 42 -21.61 -10.83 -8.26
N ILE B 43 -20.68 -11.52 -7.60
CA ILE B 43 -20.92 -12.19 -6.33
C ILE B 43 -20.73 -11.28 -5.13
N LEU B 44 -19.93 -10.24 -5.24
CA LEU B 44 -19.76 -9.31 -4.13
C LEU B 44 -20.87 -8.25 -4.06
N TRP B 45 -21.43 -7.86 -5.19
CA TRP B 45 -22.61 -6.98 -5.28
C TRP B 45 -23.88 -7.81 -5.49
N ALA B 46 -23.99 -8.85 -4.68
CA ALA B 46 -25.02 -9.89 -4.82
C ALA B 46 -26.33 -9.34 -4.30
N GLY B 47 -27.00 -8.59 -5.16
CA GLY B 47 -28.26 -7.98 -4.77
C GLY B 47 -28.26 -6.49 -5.01
N TYR B 48 -27.65 -6.06 -6.10
CA TYR B 48 -27.73 -4.68 -6.50
C TYR B 48 -27.83 -4.61 -8.01
N ALA B 49 -28.10 -3.41 -8.52
CA ALA B 49 -28.14 -3.20 -9.97
C ALA B 49 -26.80 -3.46 -10.63
N PHE B 50 -25.71 -3.56 -9.85
CA PHE B 50 -24.39 -3.77 -10.43
C PHE B 50 -24.17 -5.21 -10.92
N ALA B 51 -24.84 -6.20 -10.33
CA ALA B 51 -24.75 -7.56 -10.82
C ALA B 51 -25.22 -7.71 -12.25
N LYS B 52 -25.69 -6.63 -12.86
CA LYS B 52 -26.35 -6.67 -14.17
C LYS B 52 -25.57 -5.99 -15.28
N ASP B 53 -24.85 -4.90 -14.96
CA ASP B 53 -24.02 -4.20 -15.95
C ASP B 53 -23.09 -3.23 -15.20
N TYR B 54 -21.82 -3.61 -15.08
CA TYR B 54 -20.75 -2.68 -14.78
C TYR B 54 -19.85 -2.58 -16.01
N LYS B 55 -19.45 -1.35 -16.32
CA LYS B 55 -18.56 -1.05 -17.42
C LYS B 55 -17.54 0.00 -16.98
N ALA B 56 -16.35 -0.10 -17.53
CA ALA B 56 -15.42 0.98 -17.38
C ALA B 56 -15.98 2.21 -18.07
N PRO B 57 -15.76 3.41 -17.51
CA PRO B 57 -16.15 4.64 -18.22
C PRO B 57 -15.44 4.79 -19.57
N ARG B 58 -16.23 5.20 -20.57
CA ARG B 58 -15.69 5.52 -21.89
C ARG B 58 -15.73 7.03 -22.12
N GLY B 59 -16.02 7.45 -23.35
CA GLY B 59 -15.95 8.86 -23.69
C GLY B 59 -17.01 9.70 -23.00
N HIS B 60 -16.84 11.04 -23.11
CA HIS B 60 -17.77 12.00 -22.51
C HIS B 60 -18.97 12.34 -23.39
N MET B 61 -18.98 11.91 -24.66
CA MET B 61 -20.14 12.06 -25.54
C MET B 61 -21.15 10.93 -25.39
N TYR B 62 -20.90 9.97 -24.49
CA TYR B 62 -21.72 8.77 -24.32
C TYR B 62 -22.43 8.74 -22.97
N ALA B 63 -22.38 9.83 -22.22
CA ALA B 63 -22.98 9.82 -20.91
C ALA B 63 -24.49 9.63 -20.95
N VAL B 64 -25.12 9.84 -22.09
CA VAL B 64 -26.57 9.83 -22.20
C VAL B 64 -27.10 8.53 -22.79
N THR B 65 -26.45 8.00 -23.83
CA THR B 65 -26.82 6.66 -24.30
C THR B 65 -26.57 5.63 -23.20
N ASP B 66 -25.45 5.78 -22.48
CA ASP B 66 -25.07 4.76 -21.52
C ASP B 66 -26.01 4.74 -20.31
N VAL B 67 -26.33 5.91 -19.74
CA VAL B 67 -27.28 5.97 -18.62
C VAL B 67 -28.66 5.48 -19.04
N ARG B 68 -28.93 5.38 -20.33
CA ARG B 68 -30.13 4.70 -20.82
C ARG B 68 -29.90 3.18 -20.94
N ASN B 69 -28.93 2.76 -21.76
CA ASN B 69 -28.78 1.39 -22.26
C ASN B 69 -27.96 0.48 -21.33
N THR B 70 -27.92 0.80 -20.03
CA THR B 70 -27.27 -0.04 -19.03
C THR B 70 -28.34 -0.84 -18.29
N LEU B 71 -28.10 -2.14 -18.12
CA LEU B 71 -29.09 -3.04 -17.56
C LEU B 71 -29.53 -2.61 -16.16
N ARG B 72 -28.92 -1.56 -15.63
CA ARG B 72 -29.21 -1.08 -14.28
C ARG B 72 -30.43 -0.15 -14.21
N THR B 73 -31.16 0.05 -15.31
CA THR B 73 -32.35 0.89 -15.31
C THR B 73 -33.58 0.24 -15.96
N GLY B 74 -33.47 -1.00 -16.43
CA GLY B 74 -34.54 -1.82 -16.97
C GLY B 74 -35.34 -1.24 -18.14
N ALA B 75 -36.46 -1.93 -18.42
CA ALA B 75 -37.48 -1.54 -19.37
C ALA B 75 -38.66 -0.91 -18.64
N PRO B 76 -38.62 0.39 -18.33
CA PRO B 76 -39.82 1.06 -17.80
C PRO B 76 -40.89 1.24 -18.88
N LYS B 77 -42.15 1.16 -18.44
CA LYS B 77 -43.27 1.46 -19.33
C LYS B 77 -43.95 2.80 -19.03
N ASN B 78 -43.98 3.22 -17.76
CA ASN B 78 -44.60 4.47 -17.35
C ASN B 78 -43.55 5.43 -16.79
N ALA B 79 -44.02 6.61 -16.37
CA ALA B 79 -43.20 7.66 -15.80
C ALA B 79 -42.93 7.48 -14.31
N GLU B 80 -43.23 6.30 -13.76
CA GLU B 80 -42.65 5.87 -12.49
C GLU B 80 -42.09 4.46 -12.57
N ASP B 81 -42.25 3.79 -13.72
CA ASP B 81 -41.58 2.51 -13.95
C ASP B 81 -40.06 2.72 -13.93
N GLY B 82 -39.35 1.67 -13.52
CA GLY B 82 -37.93 1.77 -13.33
C GLY B 82 -37.58 1.96 -11.87
N PRO B 83 -36.68 1.11 -11.35
CA PRO B 83 -36.43 1.10 -9.91
C PRO B 83 -35.75 2.36 -9.39
N LEU B 84 -34.79 2.89 -10.13
CA LEU B 84 -33.92 3.96 -9.66
C LEU B 84 -34.63 5.32 -9.82
N PRO B 85 -34.50 6.22 -8.83
CA PRO B 85 -35.20 7.52 -8.92
C PRO B 85 -34.64 8.43 -10.01
N MET B 86 -35.17 9.65 -10.11
CA MET B 86 -34.67 10.60 -11.10
C MET B 86 -33.15 10.75 -11.00
N ALA B 87 -32.67 11.15 -9.82
CA ALA B 87 -31.31 11.66 -9.60
C ALA B 87 -30.17 10.83 -10.21
N CYS B 88 -30.50 9.75 -10.91
CA CYS B 88 -29.51 8.97 -11.64
C CYS B 88 -29.10 9.64 -12.95
N TRP B 89 -29.70 10.79 -13.28
CA TRP B 89 -29.12 11.65 -14.31
C TRP B 89 -28.05 12.48 -13.63
N SER B 90 -28.43 13.64 -13.09
CA SER B 90 -27.52 14.52 -12.38
C SER B 90 -26.23 14.72 -13.16
N CYS B 91 -25.40 13.68 -13.22
CA CYS B 91 -24.04 13.73 -13.75
C CYS B 91 -23.96 13.23 -15.19
N LYS B 92 -24.89 13.64 -16.05
CA LYS B 92 -24.84 13.22 -17.44
C LYS B 92 -25.17 14.30 -18.46
N SER B 93 -25.69 15.46 -18.06
CA SER B 93 -26.21 16.39 -19.06
C SER B 93 -26.49 17.78 -18.51
N PRO B 94 -26.17 18.84 -19.27
CA PRO B 94 -26.58 20.20 -18.88
C PRO B 94 -28.10 20.41 -18.85
N ASP B 95 -28.86 19.35 -19.20
CA ASP B 95 -30.30 19.19 -18.94
C ASP B 95 -30.59 18.85 -17.47
N VAL B 96 -29.55 18.96 -16.65
CA VAL B 96 -29.64 18.77 -15.20
C VAL B 96 -29.53 20.12 -14.48
N PRO B 97 -28.58 21.01 -14.84
CA PRO B 97 -28.62 22.37 -14.26
C PRO B 97 -29.72 23.21 -14.83
N ARG B 98 -30.13 22.92 -16.07
CA ARG B 98 -31.30 23.51 -16.67
C ARG B 98 -32.55 23.29 -15.81
N LEU B 99 -32.82 22.03 -15.44
CA LEU B 99 -34.03 21.64 -14.73
C LEU B 99 -33.93 21.78 -13.22
N ILE B 100 -32.77 22.16 -12.71
CA ILE B 100 -32.70 22.59 -11.32
C ILE B 100 -32.89 24.09 -11.23
N GLU B 101 -32.71 24.80 -12.34
CA GLU B 101 -33.05 26.21 -12.37
C GLU B 101 -34.55 26.41 -12.45
N GLU B 102 -35.24 25.52 -13.14
CA GLU B 102 -36.63 25.73 -13.51
C GLU B 102 -37.66 25.13 -12.53
N GLN B 103 -37.24 24.28 -11.57
CA GLN B 103 -38.21 23.73 -10.61
C GLN B 103 -37.64 23.68 -9.20
N GLY B 104 -36.77 24.62 -8.83
CA GLY B 104 -35.99 24.45 -7.62
C GLY B 104 -35.15 23.19 -7.78
N GLU B 105 -34.68 22.66 -6.65
CA GLU B 105 -34.09 21.33 -6.73
C GLU B 105 -35.18 20.26 -6.76
N ASP B 106 -35.95 20.18 -5.66
CA ASP B 106 -37.03 19.21 -5.45
C ASP B 106 -37.77 18.82 -6.72
N GLY B 107 -38.09 19.80 -7.56
CA GLY B 107 -38.80 19.51 -8.79
C GLY B 107 -38.01 18.63 -9.73
N TYR B 108 -36.68 18.68 -9.64
CA TYR B 108 -35.88 17.75 -10.41
C TYR B 108 -35.90 16.36 -9.77
N PHE B 109 -35.75 16.30 -8.45
CA PHE B 109 -35.32 15.09 -7.77
C PHE B 109 -36.45 14.07 -7.61
N LYS B 110 -37.51 14.42 -6.85
CA LYS B 110 -38.53 13.45 -6.49
C LYS B 110 -39.27 12.93 -7.72
N GLY B 111 -39.11 11.65 -8.01
CA GLY B 111 -39.71 11.03 -9.18
C GLY B 111 -38.78 10.00 -9.77
N LYS B 112 -39.36 8.95 -10.34
CA LYS B 112 -38.56 7.84 -10.80
C LYS B 112 -37.74 8.27 -12.02
N TRP B 113 -36.92 7.35 -12.54
CA TRP B 113 -35.88 7.73 -13.47
C TRP B 113 -36.45 8.18 -14.81
N ALA B 114 -37.32 7.36 -15.41
CA ALA B 114 -37.77 7.61 -16.77
C ALA B 114 -38.70 8.79 -16.88
N LYS B 115 -39.26 9.27 -15.77
CA LYS B 115 -40.18 10.40 -15.80
C LYS B 115 -39.54 11.59 -16.48
N GLY B 116 -38.42 12.10 -15.91
CA GLY B 116 -37.63 13.13 -16.54
C GLY B 116 -36.72 12.67 -17.65
N GLY B 117 -36.91 11.45 -18.13
CA GLY B 117 -36.04 10.80 -19.09
C GLY B 117 -36.02 11.42 -20.47
N PRO B 118 -37.20 11.73 -21.01
CA PRO B 118 -37.25 12.47 -22.30
C PRO B 118 -36.84 13.94 -22.20
N GLU B 119 -36.29 14.36 -21.05
CA GLU B 119 -35.79 15.72 -20.87
C GLU B 119 -34.26 15.83 -20.87
N VAL B 120 -33.53 14.75 -20.56
CA VAL B 120 -32.08 14.70 -20.72
C VAL B 120 -31.74 14.07 -22.06
N THR B 121 -31.13 14.87 -22.90
CA THR B 121 -30.86 14.50 -24.29
C THR B 121 -29.51 14.98 -24.77
N ASN B 122 -28.97 16.06 -24.24
CA ASN B 122 -27.61 16.46 -24.57
C ASN B 122 -26.65 15.63 -23.74
N THR B 123 -25.51 15.26 -24.33
CA THR B 123 -24.45 14.66 -23.53
C THR B 123 -23.87 15.74 -22.60
N ILE B 124 -22.83 15.36 -21.83
CA ILE B 124 -22.13 16.32 -20.98
C ILE B 124 -21.74 17.54 -21.81
N GLY B 125 -22.09 18.73 -21.32
CA GLY B 125 -22.08 19.90 -22.16
C GLY B 125 -21.37 21.11 -21.63
N CYS B 126 -21.46 22.21 -22.40
CA CYS B 126 -20.65 23.39 -22.14
C CYS B 126 -21.04 24.05 -20.83
N SER B 127 -22.32 24.40 -20.67
CA SER B 127 -22.76 25.11 -19.47
C SER B 127 -22.76 24.23 -18.20
N ASP B 128 -22.12 23.05 -18.26
CA ASP B 128 -21.91 22.20 -17.09
C ASP B 128 -20.80 22.77 -16.20
N CYS B 129 -19.60 22.91 -16.77
CA CYS B 129 -18.48 23.50 -16.06
C CYS B 129 -18.42 25.02 -16.20
N HIS B 130 -18.91 25.58 -17.29
CA HIS B 130 -18.81 27.01 -17.59
C HIS B 130 -20.11 27.73 -17.28
N GLU B 131 -20.02 29.06 -17.24
CA GLU B 131 -21.21 29.90 -17.29
C GLU B 131 -21.91 29.74 -18.63
N LYS B 132 -23.09 30.36 -18.75
CA LYS B 132 -23.73 30.47 -20.06
C LYS B 132 -22.78 31.18 -21.02
N GLY B 133 -22.23 30.45 -22.00
CA GLY B 133 -21.33 31.06 -22.95
C GLY B 133 -19.97 31.47 -22.39
N SER B 134 -19.99 32.37 -21.38
CA SER B 134 -18.84 33.02 -20.73
C SER B 134 -17.62 32.08 -20.56
N PRO B 135 -16.40 32.63 -20.62
CA PRO B 135 -15.21 31.79 -20.38
C PRO B 135 -15.06 31.34 -18.93
N LYS B 136 -15.75 31.99 -17.99
CA LYS B 136 -15.67 31.62 -16.59
C LYS B 136 -16.24 30.22 -16.35
N LEU B 137 -16.00 29.71 -15.14
CA LEU B 137 -16.43 28.40 -14.70
C LEU B 137 -17.34 28.54 -13.49
N ARG B 138 -18.41 27.73 -13.45
CA ARG B 138 -19.35 27.74 -12.34
C ARG B 138 -19.61 26.32 -11.84
N ILE B 139 -20.18 26.24 -10.65
CA ILE B 139 -20.75 24.99 -10.16
C ILE B 139 -22.24 25.02 -10.50
N SER B 140 -22.67 24.11 -11.39
CA SER B 140 -24.04 24.13 -11.89
C SER B 140 -24.97 23.10 -11.22
N ARG B 141 -24.54 22.49 -10.11
CA ARG B 141 -25.40 21.72 -9.22
C ARG B 141 -25.25 22.23 -7.78
N PRO B 142 -26.36 22.45 -7.05
CA PRO B 142 -26.27 23.14 -5.75
C PRO B 142 -25.76 22.25 -4.64
N TYR B 143 -25.94 20.93 -4.74
CA TYR B 143 -25.41 20.03 -3.72
C TYR B 143 -23.89 20.05 -3.71
N VAL B 144 -23.27 20.19 -4.88
CA VAL B 144 -21.81 20.24 -4.97
C VAL B 144 -21.27 21.39 -4.15
N ASP B 145 -21.93 22.54 -4.22
CA ASP B 145 -21.54 23.66 -3.38
C ASP B 145 -21.82 23.37 -1.92
N ARG B 146 -23.05 22.94 -1.62
CA ARG B 146 -23.39 22.54 -0.25
C ARG B 146 -22.40 21.53 0.28
N ALA B 147 -21.80 20.71 -0.60
CA ALA B 147 -20.85 19.68 -0.19
C ALA B 147 -19.45 20.24 0.06
N LEU B 148 -19.04 21.29 -0.65
CA LEU B 148 -17.75 21.91 -0.36
C LEU B 148 -17.80 22.66 0.97
N ASP B 149 -18.88 23.40 1.21
CA ASP B 149 -19.08 24.15 2.44
C ASP B 149 -19.13 23.24 3.65
N ALA B 150 -18.92 21.93 3.44
CA ALA B 150 -18.82 20.93 4.49
C ALA B 150 -17.39 20.44 4.70
N ILE B 151 -16.59 20.46 3.64
CA ILE B 151 -15.20 20.06 3.78
C ILE B 151 -14.31 21.25 4.10
N GLY B 152 -14.76 22.47 3.83
CA GLY B 152 -14.00 23.67 4.12
C GLY B 152 -13.84 24.65 2.98
N THR B 153 -13.94 24.19 1.73
CA THR B 153 -13.45 24.96 0.60
C THR B 153 -14.59 25.41 -0.31
N PRO B 154 -15.21 26.56 -0.03
CA PRO B 154 -16.23 27.10 -0.95
C PRO B 154 -15.65 27.45 -2.31
N PHE B 155 -16.48 27.35 -3.34
CA PHE B 155 -16.01 27.50 -4.71
C PHE B 155 -15.40 28.86 -4.98
N SER B 156 -16.25 29.90 -4.95
CA SER B 156 -15.80 31.25 -5.28
C SER B 156 -14.67 31.75 -4.37
N LYS B 157 -14.67 31.31 -3.11
CA LYS B 157 -13.67 31.72 -2.11
C LYS B 157 -12.49 30.75 -2.02
N ALA B 158 -11.98 30.34 -3.18
CA ALA B 158 -10.86 29.42 -3.23
C ALA B 158 -10.19 29.58 -4.57
N SER B 159 -8.86 29.75 -4.54
CA SER B 159 -7.95 29.99 -5.65
C SER B 159 -8.30 29.37 -7.00
N LYS B 160 -7.81 29.99 -8.08
CA LYS B 160 -8.01 29.46 -9.42
C LYS B 160 -7.51 28.02 -9.54
N GLN B 161 -6.33 27.74 -8.98
CA GLN B 161 -5.79 26.38 -9.00
C GLN B 161 -6.66 25.40 -8.20
N ASP B 162 -7.27 25.87 -7.11
CA ASP B 162 -8.26 25.07 -6.40
C ASP B 162 -9.44 24.76 -7.31
N LYS B 163 -9.99 25.81 -7.93
CA LYS B 163 -11.14 25.64 -8.80
C LYS B 163 -10.82 24.70 -9.97
N GLU B 164 -9.55 24.63 -10.39
CA GLU B 164 -9.18 23.80 -11.53
C GLU B 164 -9.63 22.36 -11.31
N SER B 165 -9.46 21.85 -10.09
CA SER B 165 -9.83 20.48 -9.74
C SER B 165 -11.31 20.36 -9.41
N MET B 166 -11.92 21.38 -8.81
CA MET B 166 -13.33 21.39 -8.42
C MET B 166 -14.29 20.93 -9.51
N VAL B 167 -14.64 21.78 -10.47
CA VAL B 167 -15.68 21.49 -11.46
C VAL B 167 -15.53 20.11 -12.09
N CYS B 168 -14.36 19.48 -11.91
CA CYS B 168 -14.24 18.06 -12.20
C CYS B 168 -15.02 17.23 -11.20
N ALA B 169 -15.18 17.75 -9.98
CA ALA B 169 -15.72 17.01 -8.86
C ALA B 169 -17.17 17.35 -8.56
N GLN B 170 -17.87 17.99 -9.48
CA GLN B 170 -19.33 17.98 -9.39
C GLN B 170 -19.86 16.59 -9.63
N CYS B 171 -19.17 15.83 -10.46
CA CYS B 171 -19.58 14.49 -10.85
C CYS B 171 -18.71 13.43 -10.20
N HIS B 172 -17.42 13.41 -10.55
CA HIS B 172 -16.52 12.32 -10.21
C HIS B 172 -16.31 12.15 -8.71
N VAL B 173 -17.35 11.72 -7.99
CA VAL B 173 -17.20 11.56 -6.54
C VAL B 173 -18.12 10.45 -6.01
N GLU B 174 -18.09 10.26 -4.69
CA GLU B 174 -18.85 9.25 -3.96
C GLU B 174 -20.07 9.88 -3.29
N TYR B 175 -21.21 9.18 -3.33
CA TYR B 175 -22.51 9.80 -3.05
C TYR B 175 -23.55 8.77 -2.60
N TYR B 176 -24.44 9.19 -1.67
CA TYR B 176 -25.63 8.41 -1.32
C TYR B 176 -26.90 9.15 -1.77
N PHE B 177 -28.06 8.78 -1.24
CA PHE B 177 -29.30 9.27 -1.84
C PHE B 177 -30.33 9.75 -0.83
N GLU B 178 -29.90 10.35 0.30
CA GLU B 178 -30.74 10.94 1.35
C GLU B 178 -32.10 10.25 1.53
N LYS B 179 -32.30 9.49 2.60
CA LYS B 179 -33.45 8.58 2.70
C LYS B 179 -34.70 9.23 3.26
N LYS B 180 -34.62 10.46 3.75
CA LYS B 180 -35.76 11.18 4.32
C LYS B 180 -36.76 11.64 3.25
N GLU B 181 -38.02 11.87 3.68
CA GLU B 181 -39.08 12.21 2.72
C GLU B 181 -38.97 13.64 2.21
N ASP B 182 -38.37 14.54 3.01
CA ASP B 182 -38.06 15.89 2.55
C ASP B 182 -36.82 15.93 1.66
N LYS B 183 -36.07 14.84 1.57
CA LYS B 183 -34.93 14.70 0.67
C LYS B 183 -35.09 13.46 -0.20
N LYS B 184 -36.33 13.13 -0.56
CA LYS B 184 -36.67 11.86 -1.20
C LYS B 184 -35.92 11.68 -2.53
N GLY B 185 -34.66 11.27 -2.45
CA GLY B 185 -33.88 11.01 -3.63
C GLY B 185 -32.96 12.12 -4.07
N PHE B 186 -32.57 13.03 -3.16
CA PHE B 186 -31.53 14.00 -3.45
C PHE B 186 -30.19 13.31 -3.63
N VAL B 187 -29.27 13.99 -4.26
CA VAL B 187 -27.88 13.58 -4.18
C VAL B 187 -27.27 14.33 -3.02
N LYS B 188 -26.22 13.76 -2.45
CA LYS B 188 -25.54 14.39 -1.33
C LYS B 188 -24.24 13.66 -1.11
N PHE B 189 -23.17 14.40 -0.89
CA PHE B 189 -21.82 13.88 -0.78
C PHE B 189 -21.48 13.63 0.69
N PRO B 190 -21.02 12.44 1.05
CA PRO B 190 -20.97 12.06 2.46
C PRO B 190 -19.75 12.58 3.17
N TRP B 191 -19.37 13.81 2.85
CA TRP B 191 -18.06 14.31 3.29
C TRP B 191 -18.10 14.68 4.76
N ASP B 192 -18.89 15.71 5.12
CA ASP B 192 -19.30 16.07 6.48
C ASP B 192 -18.29 15.67 7.57
N MET B 193 -18.10 14.36 7.77
CA MET B 193 -17.01 13.89 8.63
C MET B 193 -15.65 14.23 8.03
N GLY B 194 -15.41 13.81 6.80
CA GLY B 194 -14.11 13.99 6.16
C GLY B 194 -14.14 13.25 4.84
N VAL B 195 -12.97 12.92 4.29
CA VAL B 195 -13.03 12.03 3.11
C VAL B 195 -12.04 10.86 3.14
N THR B 196 -11.41 10.58 4.28
CA THR B 196 -10.74 9.29 4.35
C THR B 196 -11.80 8.20 4.28
N VAL B 197 -11.42 7.06 3.68
CA VAL B 197 -12.28 5.88 3.70
C VAL B 197 -12.67 5.58 5.13
N ASP B 198 -11.86 6.03 6.08
CA ASP B 198 -12.18 5.86 7.49
C ASP B 198 -13.20 6.87 7.96
N GLN B 199 -13.11 8.12 7.50
CA GLN B 199 -14.07 9.11 7.95
C GLN B 199 -15.42 8.89 7.31
N MET B 200 -15.47 8.53 6.03
CA MET B 200 -16.76 8.24 5.43
C MET B 200 -17.43 7.06 6.11
N GLU B 201 -16.72 5.93 6.21
CA GLU B 201 -17.23 4.76 6.92
C GLU B 201 -17.81 5.11 8.29
N VAL B 202 -17.22 6.09 8.97
CA VAL B 202 -17.77 6.46 10.27
C VAL B 202 -19.03 7.32 10.10
N TYR B 203 -19.07 8.15 9.05
CA TYR B 203 -20.29 8.91 8.79
C TYR B 203 -21.48 7.97 8.56
N TYR B 204 -21.58 7.38 7.37
CA TYR B 204 -22.70 6.48 7.06
C TYR B 204 -23.09 5.62 8.25
N ASP B 205 -22.10 5.18 9.05
CA ASP B 205 -22.41 4.28 10.15
C ASP B 205 -23.22 4.98 11.25
N GLY B 206 -23.10 6.30 11.35
CA GLY B 206 -23.98 7.02 12.25
C GLY B 206 -25.42 7.01 11.80
N ILE B 207 -25.64 7.07 10.50
CA ILE B 207 -26.99 7.11 9.95
C ILE B 207 -27.41 5.73 9.42
N GLU B 208 -26.78 4.66 9.91
CA GLU B 208 -27.07 3.28 9.53
C GLU B 208 -27.60 3.15 8.11
N PHE B 209 -26.87 3.74 7.16
CA PHE B 209 -27.31 3.76 5.78
C PHE B 209 -26.98 2.44 5.09
N SER B 210 -27.86 2.02 4.19
CA SER B 210 -27.64 0.85 3.35
C SER B 210 -28.04 1.20 1.94
N ASP B 211 -27.17 0.92 0.98
CA ASP B 211 -27.62 0.96 -0.40
C ASP B 211 -28.47 -0.25 -0.75
N TRP B 212 -28.29 -1.37 -0.05
CA TRP B 212 -29.07 -2.59 -0.26
C TRP B 212 -28.79 -3.55 0.90
N THR B 213 -29.33 -4.77 0.80
CA THR B 213 -29.05 -5.86 1.74
C THR B 213 -28.57 -7.07 0.94
N HIS B 214 -27.32 -7.47 1.20
CA HIS B 214 -26.61 -8.47 0.41
C HIS B 214 -27.43 -9.73 0.23
N ALA B 215 -27.98 -9.92 -0.97
CA ALA B 215 -28.84 -11.07 -1.28
C ALA B 215 -28.10 -12.40 -1.25
N LEU B 216 -27.13 -12.55 -0.33
CA LEU B 216 -26.37 -13.77 -0.18
C LEU B 216 -26.00 -13.95 1.28
N SER B 217 -25.51 -12.87 1.92
CA SER B 217 -25.18 -12.94 3.33
C SER B 217 -25.99 -11.96 4.19
N LYS B 218 -26.94 -11.23 3.60
CA LYS B 218 -27.85 -10.36 4.35
C LYS B 218 -27.10 -9.24 5.08
N THR B 219 -26.00 -8.74 4.49
CA THR B 219 -25.24 -7.68 5.14
C THR B 219 -25.71 -6.30 4.65
N PRO B 220 -25.89 -5.34 5.58
CA PRO B 220 -26.11 -3.94 5.19
C PRO B 220 -24.97 -3.31 4.38
N MET B 221 -25.03 -3.46 3.05
CA MET B 221 -23.89 -3.26 2.17
C MET B 221 -23.86 -1.85 1.59
N LEU B 222 -22.69 -1.20 1.69
CA LEU B 222 -22.43 0.11 1.08
C LEU B 222 -21.81 -0.02 -0.32
N LYS B 223 -22.13 0.95 -1.18
CA LYS B 223 -21.68 0.93 -2.58
C LYS B 223 -20.90 2.21 -2.87
N ALA B 224 -19.61 2.07 -3.08
CA ALA B 224 -18.74 3.19 -3.41
C ALA B 224 -18.83 3.50 -4.89
N GLN B 225 -18.84 4.79 -5.22
CA GLN B 225 -19.04 5.23 -6.60
C GLN B 225 -18.03 6.30 -6.99
N HIS B 226 -17.20 6.00 -8.01
CA HIS B 226 -16.28 6.97 -8.60
C HIS B 226 -15.49 7.82 -7.63
N PRO B 227 -14.91 7.32 -6.57
CA PRO B 227 -14.24 8.23 -5.64
C PRO B 227 -13.02 8.93 -6.22
N GLU B 228 -13.18 9.98 -7.05
CA GLU B 228 -12.07 10.58 -7.79
C GLU B 228 -11.44 11.71 -7.00
N TYR B 229 -12.15 12.84 -6.89
CA TYR B 229 -11.63 13.93 -6.06
C TYR B 229 -11.24 13.39 -4.69
N GLU B 230 -11.97 12.38 -4.22
CA GLU B 230 -11.77 11.88 -2.86
C GLU B 230 -10.51 11.04 -2.73
N THR B 231 -10.12 10.30 -3.78
CA THR B 231 -8.78 9.71 -3.72
C THR B 231 -7.72 10.70 -4.21
N TRP B 232 -8.04 11.59 -5.14
CA TRP B 232 -7.00 12.47 -5.66
C TRP B 232 -6.40 13.35 -4.56
N LYS B 233 -7.14 13.62 -3.50
CA LYS B 233 -6.60 14.44 -2.41
C LYS B 233 -5.59 13.69 -1.55
N MET B 234 -5.31 12.42 -1.84
CA MET B 234 -4.41 11.60 -1.05
C MET B 234 -3.11 11.27 -1.75
N GLY B 235 -3.01 11.54 -3.05
CA GLY B 235 -1.84 11.20 -3.85
C GLY B 235 -0.89 12.37 -3.97
N ILE B 236 0.41 12.06 -3.89
CA ILE B 236 1.41 13.10 -3.77
C ILE B 236 1.37 14.05 -4.96
N HIS B 237 0.61 13.74 -6.00
CA HIS B 237 0.17 14.75 -6.95
C HIS B 237 -0.63 15.81 -6.24
N GLY B 238 -1.86 15.45 -5.86
CA GLY B 238 -2.78 16.38 -5.23
C GLY B 238 -2.31 16.90 -3.90
N LYS B 239 -1.32 16.26 -3.28
CA LYS B 239 -0.67 16.85 -2.13
C LYS B 239 -0.04 18.21 -2.46
N ASN B 240 0.33 18.44 -3.73
CA ASN B 240 0.88 19.70 -4.23
C ASN B 240 -0.06 20.37 -5.21
N ASN B 241 -1.34 20.05 -5.13
CA ASN B 241 -2.39 20.68 -5.93
C ASN B 241 -2.13 20.54 -7.42
N VAL B 242 -1.63 19.37 -7.84
CA VAL B 242 -1.67 19.08 -9.26
C VAL B 242 -3.13 18.96 -9.63
N SER B 243 -3.62 19.90 -10.42
CA SER B 243 -5.05 19.96 -10.71
C SER B 243 -5.51 18.74 -11.51
N CYS B 244 -6.82 18.49 -11.42
CA CYS B 244 -7.41 17.52 -12.33
C CYS B 244 -7.26 17.99 -13.77
N VAL B 245 -7.27 19.31 -13.98
CA VAL B 245 -7.10 19.86 -15.33
C VAL B 245 -5.66 19.72 -15.78
N ASP B 246 -4.71 19.91 -14.87
CA ASP B 246 -3.30 19.89 -15.25
C ASP B 246 -2.93 18.63 -16.02
N CYS B 247 -3.70 17.55 -15.88
CA CYS B 247 -3.39 16.27 -16.52
C CYS B 247 -4.43 15.83 -17.56
N HIS B 248 -5.71 16.02 -17.30
CA HIS B 248 -6.74 15.51 -18.20
C HIS B 248 -7.35 16.56 -19.11
N MET B 249 -6.94 17.82 -18.99
CA MET B 249 -7.31 18.86 -19.95
C MET B 249 -6.08 19.74 -20.20
N PRO B 250 -5.11 19.23 -21.00
CA PRO B 250 -3.82 19.90 -21.11
C PRO B 250 -3.91 21.09 -22.05
N LYS B 251 -3.49 22.27 -21.55
CA LYS B 251 -3.57 23.54 -22.30
C LYS B 251 -2.62 23.47 -23.48
N VAL B 252 -3.16 23.17 -24.66
CA VAL B 252 -2.39 23.02 -25.88
C VAL B 252 -2.51 24.29 -26.72
N THR B 253 -1.74 24.35 -27.81
CA THR B 253 -1.85 25.42 -28.80
C THR B 253 -2.48 24.87 -30.07
N SER B 254 -2.97 25.79 -30.90
CA SER B 254 -3.58 25.37 -32.15
C SER B 254 -2.50 25.16 -33.21
N PRO B 255 -2.81 24.34 -34.25
CA PRO B 255 -1.97 24.32 -35.46
C PRO B 255 -1.55 25.72 -35.91
N GLU B 256 -2.41 26.72 -35.63
CA GLU B 256 -2.30 28.10 -36.10
C GLU B 256 -1.41 28.96 -35.20
N GLY B 257 -1.57 28.88 -33.87
CA GLY B 257 -0.63 29.58 -33.00
C GLY B 257 -1.06 29.96 -31.59
N LYS B 258 -2.35 30.24 -31.38
CA LYS B 258 -2.88 30.69 -30.11
C LYS B 258 -3.26 29.49 -29.21
N LYS B 259 -3.09 29.68 -27.89
CA LYS B 259 -3.29 28.61 -26.91
C LYS B 259 -4.73 28.57 -26.44
N PHE B 260 -5.33 27.37 -26.48
CA PHE B 260 -6.59 27.06 -25.78
C PHE B 260 -6.37 25.94 -24.76
N THR B 261 -7.44 25.30 -24.29
CA THR B 261 -7.31 24.08 -23.49
C THR B 261 -7.91 22.94 -24.29
N ASP B 262 -7.14 21.85 -24.44
CA ASP B 262 -7.70 20.69 -25.10
C ASP B 262 -8.86 20.18 -24.28
N HIS B 263 -10.00 19.99 -24.94
CA HIS B 263 -11.22 19.56 -24.25
C HIS B 263 -11.53 18.10 -24.46
N LYS B 264 -10.75 17.37 -25.27
CA LYS B 264 -10.77 15.91 -25.19
C LYS B 264 -10.31 15.52 -23.79
N VAL B 265 -11.13 14.74 -23.10
CA VAL B 265 -10.75 14.26 -21.78
C VAL B 265 -10.58 12.75 -21.85
N GLY B 266 -9.42 12.31 -22.32
CA GLY B 266 -9.11 10.90 -22.38
C GLY B 266 -7.96 10.54 -21.45
N ASN B 267 -7.01 9.75 -21.96
CA ASN B 267 -5.85 9.33 -21.18
C ASN B 267 -4.75 10.37 -21.33
N PRO B 268 -4.31 11.03 -20.24
CA PRO B 268 -3.28 12.08 -20.36
C PRO B 268 -2.02 11.59 -21.06
N PHE B 269 -1.95 10.30 -21.33
CA PHE B 269 -0.83 9.77 -22.09
C PHE B 269 -1.01 9.94 -23.60
N ASP B 270 -2.22 10.22 -24.09
CA ASP B 270 -2.42 10.58 -25.50
C ASP B 270 -1.80 11.94 -25.82
N ARG B 271 -1.56 12.76 -24.82
CA ARG B 271 -0.94 14.08 -24.93
C ARG B 271 0.20 14.21 -23.93
N PHE B 272 1.04 13.17 -23.80
CA PHE B 272 2.14 13.18 -22.83
C PHE B 272 3.07 14.36 -23.07
N GLU B 273 3.67 14.41 -24.27
CA GLU B 273 4.38 15.58 -24.72
C GLU B 273 3.38 16.75 -24.76
N GLU B 274 2.98 17.25 -23.57
CA GLU B 274 1.91 18.22 -23.34
C GLU B 274 1.32 18.18 -21.92
N THR B 275 1.27 17.00 -21.29
CA THR B 275 0.67 16.85 -19.95
C THR B 275 1.75 16.61 -18.89
N CYS B 276 2.19 15.35 -18.74
CA CYS B 276 3.23 14.99 -17.77
C CYS B 276 4.65 15.19 -18.33
N ALA B 277 4.79 15.51 -19.62
CA ALA B 277 6.08 16.01 -20.08
C ALA B 277 6.42 17.31 -19.35
N THR B 278 5.43 18.20 -19.24
CA THR B 278 5.70 19.59 -18.86
C THR B 278 6.19 19.75 -17.41
N CYS B 279 5.96 18.76 -16.54
CA CYS B 279 6.39 18.91 -15.16
C CYS B 279 7.48 17.92 -14.75
N HIS B 280 8.20 17.35 -15.72
CA HIS B 280 9.12 16.29 -15.38
C HIS B 280 10.38 16.34 -16.26
N SER B 281 11.40 15.60 -15.81
CA SER B 281 12.60 15.30 -16.57
C SER B 281 12.58 13.86 -17.09
N GLN B 282 11.44 13.19 -17.00
CA GLN B 282 11.45 11.80 -17.40
C GLN B 282 11.05 11.67 -18.86
N THR B 283 11.19 10.46 -19.37
CA THR B 283 10.58 10.07 -20.63
C THR B 283 9.22 9.46 -20.35
N LYS B 284 8.51 9.17 -21.43
CA LYS B 284 7.19 8.56 -21.33
C LYS B 284 7.39 7.08 -20.99
N GLU B 285 7.81 6.30 -21.98
CA GLU B 285 8.08 4.87 -21.85
C GLU B 285 8.59 4.50 -20.46
N PHE B 286 9.29 5.41 -19.79
CA PHE B 286 9.67 5.18 -18.40
C PHE B 286 8.51 5.42 -17.45
N LEU B 287 7.80 6.56 -17.59
CA LEU B 287 6.74 6.91 -16.65
C LEU B 287 5.47 6.07 -16.89
N VAL B 288 5.10 5.84 -18.15
CA VAL B 288 3.95 5.00 -18.45
C VAL B 288 4.17 3.59 -17.92
N GLY B 289 5.29 2.98 -18.27
CA GLY B 289 5.60 1.67 -17.73
C GLY B 289 5.71 1.61 -16.21
N VAL B 290 5.71 2.76 -15.54
CA VAL B 290 5.77 2.75 -14.07
C VAL B 290 4.35 2.89 -13.54
N THR B 291 3.49 3.59 -14.29
CA THR B 291 2.07 3.62 -13.95
C THR B 291 1.42 2.26 -14.20
N ASN B 292 1.79 1.58 -15.28
CA ASN B 292 1.37 0.19 -15.50
C ASN B 292 1.95 -0.77 -14.46
N GLU B 293 2.87 -0.34 -13.61
CA GLU B 293 3.33 -1.19 -12.52
C GLU B 293 2.53 -0.96 -11.24
N ARG B 294 2.23 0.31 -10.93
CA ARG B 294 1.23 0.62 -9.90
C ARG B 294 -0.11 -0.01 -10.26
N LYS B 295 -0.56 0.21 -11.50
CA LYS B 295 -1.76 -0.47 -12.01
C LYS B 295 -1.66 -1.99 -12.01
N ALA B 296 -1.02 -2.60 -11.01
CA ALA B 296 -1.01 -4.06 -10.98
C ALA B 296 -0.66 -4.53 -9.58
N LYS B 297 0.10 -3.72 -8.82
CA LYS B 297 0.16 -3.93 -7.39
C LYS B 297 -1.10 -3.45 -6.70
N VAL B 298 -1.91 -2.64 -7.38
CA VAL B 298 -3.26 -2.42 -6.93
C VAL B 298 -4.16 -3.55 -7.43
N LYS B 299 -3.87 -4.09 -8.61
CA LYS B 299 -4.74 -5.14 -9.15
C LYS B 299 -4.66 -6.41 -8.32
N GLU B 300 -3.47 -6.81 -7.89
CA GLU B 300 -3.34 -8.10 -7.24
C GLU B 300 -4.02 -8.11 -5.87
N MET B 301 -3.87 -7.04 -5.11
CA MET B 301 -4.47 -6.97 -3.79
C MET B 301 -5.94 -6.68 -3.85
N LYS B 302 -6.40 -6.05 -4.92
CA LYS B 302 -7.84 -5.93 -5.14
C LYS B 302 -8.50 -7.32 -5.16
N LEU B 303 -7.80 -8.36 -5.64
CA LEU B 303 -8.35 -9.71 -5.80
C LEU B 303 -8.21 -10.57 -4.53
N LYS B 304 -7.03 -10.60 -3.92
CA LYS B 304 -6.93 -11.26 -2.63
C LYS B 304 -7.50 -10.42 -1.49
N ALA B 305 -8.29 -9.40 -1.80
CA ALA B 305 -9.22 -8.86 -0.83
C ALA B 305 -10.65 -9.27 -1.17
N GLU B 306 -10.92 -9.62 -2.43
CA GLU B 306 -12.22 -10.17 -2.81
C GLU B 306 -12.34 -11.64 -2.43
N GLU B 307 -11.27 -12.42 -2.64
CA GLU B 307 -11.33 -13.85 -2.36
C GLU B 307 -11.63 -14.12 -0.90
N GLN B 308 -11.18 -13.24 -0.01
CA GLN B 308 -11.64 -13.33 1.36
C GLN B 308 -13.07 -12.82 1.50
N LEU B 309 -13.60 -12.09 0.51
CA LEU B 309 -14.95 -11.54 0.63
C LEU B 309 -16.01 -12.49 0.09
N VAL B 310 -15.83 -13.00 -1.13
CA VAL B 310 -16.65 -14.12 -1.60
C VAL B 310 -16.66 -15.21 -0.54
N LYS B 311 -15.49 -15.82 -0.27
CA LYS B 311 -15.29 -16.84 0.76
C LYS B 311 -15.87 -16.48 2.14
N ALA B 312 -16.53 -15.32 2.26
CA ALA B 312 -17.10 -14.82 3.51
C ALA B 312 -18.60 -14.66 3.43
N HIS B 313 -19.11 -14.15 2.32
CA HIS B 313 -20.54 -14.19 2.10
C HIS B 313 -21.03 -15.63 2.12
N PHE B 314 -20.36 -16.52 1.38
CA PHE B 314 -20.72 -17.93 1.42
C PHE B 314 -20.37 -18.58 2.76
N GLU B 315 -19.29 -18.13 3.40
CA GLU B 315 -19.04 -18.57 4.77
C GLU B 315 -20.00 -17.93 5.75
N ALA B 316 -20.80 -16.95 5.30
CA ALA B 316 -21.94 -16.41 6.03
C ALA B 316 -23.28 -16.91 5.53
N ALA B 317 -23.44 -17.04 4.20
CA ALA B 317 -24.65 -17.63 3.62
C ALA B 317 -24.95 -18.98 4.26
N LYS B 318 -23.92 -19.81 4.43
CA LYS B 318 -24.12 -21.01 5.22
C LYS B 318 -24.55 -20.67 6.64
N ALA B 319 -23.91 -19.65 7.25
CA ALA B 319 -24.20 -19.34 8.65
C ALA B 319 -25.68 -19.08 8.87
N TRP B 320 -26.31 -18.36 7.94
CA TRP B 320 -27.75 -18.23 7.94
C TRP B 320 -28.43 -19.60 7.84
N GLU B 321 -28.06 -20.36 6.81
CA GLU B 321 -28.76 -21.58 6.41
C GLU B 321 -28.66 -22.70 7.46
N LEU B 322 -27.90 -22.51 8.54
CA LEU B 322 -28.03 -23.37 9.70
C LEU B 322 -28.93 -22.74 10.75
N GLY B 323 -29.51 -21.59 10.45
CA GLY B 323 -30.31 -20.88 11.42
C GLY B 323 -29.45 -20.25 12.50
N ALA B 324 -28.67 -19.27 12.15
CA ALA B 324 -28.15 -18.51 13.26
C ALA B 324 -29.04 -17.29 13.44
N THR B 325 -28.87 -16.64 14.58
CA THR B 325 -29.76 -15.58 15.03
C THR B 325 -29.26 -14.21 14.51
N GLU B 326 -30.00 -13.15 14.84
CA GLU B 326 -29.48 -11.79 14.68
C GLU B 326 -28.35 -11.52 15.67
N ALA B 327 -28.58 -11.88 16.94
CA ALA B 327 -27.58 -11.72 18.00
C ALA B 327 -26.24 -12.31 17.60
N GLU B 328 -26.26 -13.51 17.04
CA GLU B 328 -25.04 -14.19 16.61
C GLU B 328 -24.43 -13.49 15.39
N MET B 329 -25.22 -13.23 14.37
CA MET B 329 -24.69 -12.67 13.14
C MET B 329 -24.45 -11.17 13.19
N LYS B 330 -24.42 -10.56 14.38
CA LYS B 330 -24.25 -9.11 14.43
C LYS B 330 -22.82 -8.82 14.02
N PRO B 331 -21.81 -9.01 14.90
CA PRO B 331 -20.49 -8.46 14.58
C PRO B 331 -19.78 -9.17 13.44
N ILE B 332 -20.36 -10.22 12.84
CA ILE B 332 -19.85 -10.71 11.57
C ILE B 332 -20.21 -9.73 10.44
N LEU B 333 -21.51 -9.46 10.29
CA LEU B 333 -21.94 -8.58 9.20
C LEU B 333 -21.57 -7.12 9.47
N THR B 334 -21.18 -6.76 10.70
CA THR B 334 -20.46 -5.50 10.91
C THR B 334 -19.14 -5.52 10.12
N ASP B 335 -18.33 -6.56 10.34
CA ASP B 335 -17.04 -6.66 9.68
C ASP B 335 -17.19 -6.75 8.18
N ILE B 336 -18.08 -7.62 7.68
CA ILE B 336 -18.26 -7.78 6.24
C ILE B 336 -18.73 -6.47 5.60
N ARG B 337 -19.57 -5.72 6.31
CA ARG B 337 -19.94 -4.38 5.90
C ARG B 337 -18.71 -3.52 5.65
N HIS B 338 -17.84 -3.40 6.67
CA HIS B 338 -16.61 -2.62 6.54
C HIS B 338 -15.63 -3.24 5.57
N ALA B 339 -15.38 -4.53 5.70
CA ALA B 339 -14.35 -5.15 4.87
C ALA B 339 -14.63 -4.98 3.39
N GLN B 340 -15.91 -5.02 2.99
CA GLN B 340 -16.20 -4.82 1.57
C GLN B 340 -16.36 -3.35 1.21
N TRP B 341 -16.73 -2.52 2.18
CA TRP B 341 -16.81 -1.09 1.87
C TRP B 341 -15.44 -0.54 1.53
N ARG B 342 -14.40 -0.96 2.27
CA ARG B 342 -13.05 -0.49 1.99
C ARG B 342 -12.58 -1.01 0.64
N TRP B 343 -12.87 -2.28 0.34
CA TRP B 343 -12.52 -2.82 -0.97
C TRP B 343 -13.17 -2.05 -2.09
N ASP B 344 -14.44 -1.70 -1.95
CA ASP B 344 -15.11 -0.96 -3.02
C ASP B 344 -14.47 0.40 -3.20
N LEU B 345 -14.36 1.17 -2.11
CA LEU B 345 -13.83 2.52 -2.22
C LEU B 345 -12.43 2.53 -2.83
N ALA B 346 -11.51 1.75 -2.25
CA ALA B 346 -10.13 1.79 -2.71
C ALA B 346 -10.00 1.60 -4.21
N ILE B 347 -10.92 0.87 -4.84
CA ILE B 347 -10.79 0.62 -6.26
C ILE B 347 -12.13 0.77 -6.98
N ALA B 348 -12.92 1.78 -6.60
CA ALA B 348 -14.11 2.12 -7.38
C ALA B 348 -13.85 3.23 -8.38
N SER B 349 -12.63 3.79 -8.40
CA SER B 349 -12.16 4.72 -9.42
C SER B 349 -11.07 4.07 -10.24
N HIS B 350 -11.19 4.13 -11.56
CA HIS B 350 -10.27 3.38 -12.40
C HIS B 350 -8.91 4.04 -12.55
N GLY B 351 -8.54 4.88 -11.60
CA GLY B 351 -7.26 5.54 -11.64
C GLY B 351 -6.78 5.88 -10.26
N VAL B 352 -7.12 5.07 -9.27
CA VAL B 352 -6.50 5.33 -7.98
C VAL B 352 -5.02 5.03 -8.07
N ALA B 353 -4.64 4.09 -8.94
CA ALA B 353 -3.23 3.77 -9.12
C ALA B 353 -2.47 4.98 -9.63
N ALA B 354 -3.02 5.70 -10.61
CA ALA B 354 -2.35 6.89 -11.14
C ALA B 354 -2.38 8.06 -10.15
N HIS B 355 -3.51 8.24 -9.45
CA HIS B 355 -3.80 9.45 -8.70
C HIS B 355 -3.32 9.43 -7.25
N ALA B 356 -3.41 8.28 -6.58
CA ALA B 356 -3.08 8.15 -5.16
C ALA B 356 -2.96 6.68 -4.76
N PRO B 357 -1.97 5.96 -5.29
CA PRO B 357 -1.90 4.51 -5.07
C PRO B 357 -1.32 4.11 -3.73
N GLU B 358 -0.64 5.01 -3.03
CA GLU B 358 -0.22 4.69 -1.68
C GLU B 358 -1.43 4.42 -0.80
N GLU B 359 -2.42 5.31 -0.86
CA GLU B 359 -3.64 5.13 -0.08
C GLU B 359 -4.52 4.01 -0.64
N ALA B 360 -4.41 3.68 -1.93
CA ALA B 360 -5.12 2.50 -2.43
C ALA B 360 -4.83 1.28 -1.57
N LEU B 361 -3.54 0.98 -1.37
CA LEU B 361 -3.12 -0.30 -0.79
C LEU B 361 -3.30 -0.36 0.71
N ARG B 362 -3.19 0.78 1.39
CA ARG B 362 -3.50 0.75 2.81
C ARG B 362 -4.97 0.47 3.03
N VAL B 363 -5.83 1.02 2.18
CA VAL B 363 -7.27 0.74 2.30
C VAL B 363 -7.53 -0.75 2.06
N LEU B 364 -7.08 -1.24 0.91
CA LEU B 364 -7.17 -2.65 0.62
C LEU B 364 -6.54 -3.53 1.69
N GLY B 365 -5.59 -3.01 2.46
CA GLY B 365 -5.05 -3.79 3.57
C GLY B 365 -6.04 -3.97 4.70
N THR B 366 -6.71 -2.89 5.10
CA THR B 366 -7.69 -2.93 6.19
C THR B 366 -9.01 -3.55 5.79
N SER B 367 -9.26 -3.66 4.50
CA SER B 367 -10.32 -4.46 3.91
C SER B 367 -10.02 -5.94 3.99
N VAL B 368 -8.85 -6.34 4.49
CA VAL B 368 -8.55 -7.74 4.73
C VAL B 368 -8.40 -8.01 6.22
N ASN B 369 -7.71 -7.12 6.95
CA ASN B 369 -7.74 -7.21 8.41
C ASN B 369 -9.15 -7.19 8.96
N LYS B 370 -10.13 -6.72 8.19
CA LYS B 370 -11.52 -6.83 8.61
C LYS B 370 -12.10 -8.16 8.16
N ALA B 371 -12.09 -8.44 6.85
CA ALA B 371 -12.56 -9.72 6.37
C ALA B 371 -12.02 -10.88 7.19
N ALA B 372 -10.80 -10.75 7.72
CA ALA B 372 -10.27 -11.76 8.64
C ALA B 372 -11.13 -11.86 9.89
N ASP B 373 -11.31 -10.74 10.59
CA ASP B 373 -12.15 -10.64 11.77
C ASP B 373 -13.56 -11.14 11.50
N ALA B 374 -13.88 -11.38 10.25
CA ALA B 374 -15.17 -11.96 9.89
C ALA B 374 -14.99 -13.47 9.75
N ARG B 375 -14.25 -13.90 8.71
CA ARG B 375 -14.18 -15.32 8.38
C ARG B 375 -13.66 -16.18 9.52
N VAL B 376 -12.93 -15.60 10.46
CA VAL B 376 -12.71 -16.30 11.72
C VAL B 376 -14.02 -16.47 12.46
N LYS B 377 -14.75 -15.36 12.69
CA LYS B 377 -16.00 -15.35 13.45
C LYS B 377 -17.13 -16.05 12.71
N LEU B 378 -16.98 -16.27 11.40
CA LEU B 378 -17.93 -17.03 10.59
C LEU B 378 -17.68 -18.53 10.62
N ALA B 379 -16.45 -18.95 10.86
CA ALA B 379 -16.18 -20.37 11.01
C ALA B 379 -16.26 -20.81 12.48
N GLN B 380 -15.94 -19.94 13.43
CA GLN B 380 -16.20 -20.26 14.84
C GLN B 380 -17.69 -20.42 15.12
N LEU B 381 -18.53 -19.70 14.36
CA LEU B 381 -19.97 -19.83 14.51
C LEU B 381 -20.51 -20.96 13.67
N LEU B 382 -19.87 -21.25 12.53
CA LEU B 382 -20.21 -22.48 11.84
C LEU B 382 -19.85 -23.73 12.66
N ALA B 383 -18.89 -23.61 13.60
CA ALA B 383 -18.63 -24.68 14.56
C ALA B 383 -19.79 -24.82 15.55
N LYS B 384 -19.96 -23.87 16.48
CA LYS B 384 -21.02 -23.95 17.50
C LYS B 384 -22.39 -24.06 16.86
N LYS B 385 -22.44 -24.08 15.53
CA LYS B 385 -23.65 -24.48 14.82
C LYS B 385 -23.42 -25.74 14.02
N GLY B 386 -22.27 -26.38 14.16
CA GLY B 386 -22.12 -27.75 13.71
C GLY B 386 -21.47 -27.95 12.36
N LEU B 387 -20.70 -26.99 11.88
CA LEU B 387 -19.84 -27.23 10.73
C LEU B 387 -18.39 -27.07 11.15
N THR B 388 -17.55 -27.97 10.66
CA THR B 388 -16.12 -27.91 10.89
C THR B 388 -15.32 -28.02 9.61
N ASP B 389 -15.98 -28.28 8.48
CA ASP B 389 -15.34 -28.30 7.18
C ASP B 389 -15.31 -26.87 6.66
N PRO B 390 -15.00 -26.63 5.40
CA PRO B 390 -15.17 -25.27 4.84
C PRO B 390 -16.16 -25.24 3.70
N VAL B 391 -16.65 -24.06 3.35
CA VAL B 391 -17.81 -23.94 2.48
C VAL B 391 -17.37 -23.94 1.03
N ALA B 392 -18.22 -24.47 0.16
CA ALA B 392 -17.90 -24.60 -1.25
C ALA B 392 -18.19 -23.30 -1.99
N ILE B 393 -17.55 -23.15 -3.16
CA ILE B 393 -17.71 -21.94 -3.94
C ILE B 393 -17.97 -22.34 -5.40
N PRO B 394 -19.22 -22.27 -5.85
CA PRO B 394 -19.58 -22.85 -7.16
C PRO B 394 -19.03 -22.06 -8.34
N ASP B 395 -19.19 -22.65 -9.54
CA ASP B 395 -18.47 -22.11 -10.68
C ASP B 395 -18.95 -20.70 -10.98
N ILE B 396 -18.12 -19.74 -10.58
CA ILE B 396 -18.28 -18.34 -10.88
C ILE B 396 -17.06 -17.89 -11.69
N SER B 397 -16.66 -18.72 -12.67
CA SER B 397 -15.55 -18.40 -13.56
C SER B 397 -15.96 -17.44 -14.68
N THR B 398 -17.15 -17.61 -15.25
CA THR B 398 -17.64 -16.62 -16.19
C THR B 398 -18.49 -15.61 -15.45
N LYS B 399 -18.82 -14.52 -16.14
CA LYS B 399 -19.89 -13.66 -15.67
C LYS B 399 -21.20 -14.43 -15.70
N ALA B 400 -21.36 -15.30 -16.70
CA ALA B 400 -22.60 -15.99 -16.97
C ALA B 400 -22.81 -17.19 -16.04
N LYS B 401 -21.74 -17.78 -15.48
CA LYS B 401 -21.95 -18.76 -14.41
C LYS B 401 -22.17 -18.08 -13.06
N ALA B 402 -21.48 -16.97 -12.80
CA ALA B 402 -21.69 -16.23 -11.55
C ALA B 402 -23.04 -15.51 -11.56
N GLN B 403 -23.45 -14.98 -12.72
CA GLN B 403 -24.79 -14.38 -12.83
C GLN B 403 -25.87 -15.43 -12.69
N ALA B 404 -25.72 -16.55 -13.40
CA ALA B 404 -26.69 -17.63 -13.31
C ALA B 404 -26.65 -18.34 -11.96
N VAL B 405 -25.54 -18.30 -11.23
CA VAL B 405 -25.55 -18.92 -9.89
C VAL B 405 -26.48 -18.17 -8.95
N LEU B 406 -26.84 -16.94 -9.29
CA LEU B 406 -27.74 -16.15 -8.45
C LEU B 406 -29.22 -16.32 -8.84
N GLY B 407 -29.54 -17.37 -9.61
CA GLY B 407 -30.90 -17.57 -10.10
C GLY B 407 -31.45 -16.42 -10.91
N MET B 408 -30.58 -15.56 -11.44
CA MET B 408 -31.05 -14.35 -12.11
C MET B 408 -31.60 -14.69 -13.49
N ASP B 409 -32.67 -13.99 -13.87
CA ASP B 409 -33.22 -14.11 -15.22
C ASP B 409 -32.56 -13.08 -16.14
N MET B 410 -31.25 -13.25 -16.33
CA MET B 410 -30.43 -12.35 -17.15
C MET B 410 -30.84 -12.40 -18.61
N GLU B 411 -31.86 -13.20 -18.90
CA GLU B 411 -32.43 -13.34 -20.23
C GLU B 411 -33.64 -12.44 -20.41
N LYS B 412 -34.59 -12.53 -19.49
CA LYS B 412 -35.70 -11.58 -19.43
C LYS B 412 -35.19 -10.14 -19.23
N MET B 413 -34.01 -9.98 -18.62
CA MET B 413 -33.40 -8.66 -18.49
C MET B 413 -32.96 -8.14 -19.85
N ASN B 414 -32.02 -8.85 -20.48
CA ASN B 414 -31.61 -8.51 -21.83
C ASN B 414 -32.79 -8.41 -22.78
N ALA B 415 -33.73 -9.36 -22.68
CA ALA B 415 -34.89 -9.36 -23.56
C ALA B 415 -35.58 -8.01 -23.54
N GLU B 416 -35.94 -7.52 -22.36
CA GLU B 416 -36.70 -6.29 -22.29
C GLU B 416 -35.85 -5.05 -22.52
N LYS B 417 -34.56 -5.12 -22.19
CA LYS B 417 -33.70 -3.93 -22.25
C LYS B 417 -33.51 -3.48 -23.70
N GLU B 418 -33.09 -4.39 -24.58
CA GLU B 418 -33.06 -4.09 -26.00
C GLU B 418 -34.45 -4.11 -26.63
N ALA B 419 -35.49 -4.48 -25.87
CA ALA B 419 -36.85 -4.19 -26.30
C ALA B 419 -37.18 -2.72 -26.06
N PHE B 420 -37.07 -2.28 -24.80
CA PHE B 420 -37.24 -0.86 -24.46
C PHE B 420 -36.19 0.03 -25.12
N LYS B 421 -35.00 -0.51 -25.44
CA LYS B 421 -34.00 0.24 -26.23
C LYS B 421 -34.58 0.75 -27.55
N LYS B 422 -35.54 0.01 -28.11
CA LYS B 422 -36.04 0.17 -29.46
C LYS B 422 -37.56 0.37 -29.45
N ASP B 423 -38.05 1.10 -28.45
CA ASP B 423 -39.48 1.21 -28.20
C ASP B 423 -39.86 2.54 -27.53
N MET B 424 -39.26 2.83 -26.36
CA MET B 424 -39.37 4.10 -25.66
C MET B 424 -38.31 5.11 -26.12
N LEU B 425 -37.06 4.66 -26.20
CA LEU B 425 -35.95 5.53 -26.57
C LEU B 425 -36.20 6.31 -27.86
N PRO B 426 -36.83 5.77 -28.90
CA PRO B 426 -37.14 6.64 -30.04
C PRO B 426 -38.00 7.82 -29.63
N LYS B 427 -38.83 7.66 -28.60
CA LYS B 427 -39.75 8.71 -28.20
C LYS B 427 -39.01 9.83 -27.45
N TRP B 428 -38.21 9.47 -26.42
CA TRP B 428 -37.52 10.46 -25.59
C TRP B 428 -36.71 11.42 -26.44
N ASP B 429 -36.03 10.88 -27.47
CA ASP B 429 -35.23 11.70 -28.36
C ASP B 429 -36.09 12.47 -29.34
N ALA B 430 -37.30 11.99 -29.63
CA ALA B 430 -38.19 12.70 -30.55
C ALA B 430 -39.02 13.75 -29.82
N GLU B 431 -39.65 13.36 -28.70
CA GLU B 431 -40.46 14.32 -27.96
C GLU B 431 -39.64 15.52 -27.49
N ALA B 432 -38.33 15.31 -27.27
CA ALA B 432 -37.46 16.42 -26.91
C ALA B 432 -37.01 17.21 -28.13
N LYS B 433 -36.93 16.55 -29.30
CA LYS B 433 -36.73 17.27 -30.55
C LYS B 433 -37.73 18.40 -30.67
N LYS B 434 -39.00 18.12 -30.34
CA LYS B 434 -40.10 19.08 -30.25
C LYS B 434 -39.72 20.37 -29.55
N ARG B 435 -39.63 20.34 -28.22
CA ARG B 435 -39.46 21.55 -27.44
C ARG B 435 -38.07 22.16 -27.64
N GLU B 436 -37.03 21.34 -27.54
CA GLU B 436 -35.65 21.84 -27.54
C GLU B 436 -35.17 22.27 -28.93
N ALA B 437 -36.06 22.33 -29.91
CA ALA B 437 -35.80 23.04 -31.16
C ALA B 437 -36.43 24.43 -31.14
N THR B 438 -36.92 24.88 -29.98
CA THR B 438 -37.58 26.17 -29.83
C THR B 438 -36.88 26.96 -28.73
N TYR B 439 -35.90 27.78 -29.11
CA TYR B 439 -35.19 28.63 -28.14
C TYR B 439 -35.13 30.08 -28.64
FE HEC C . 23.74 -6.13 12.82
CHA HEC C . 21.37 -3.51 13.64
CHB HEC C . 23.98 -6.81 15.96
CHC HEC C . 23.90 -9.46 11.92
CHD HEC C . 23.73 -5.22 9.66
NA HEC C . 22.72 -5.31 14.51
C1A HEC C . 22.02 -4.14 14.67
C2A HEC C . 22.11 -3.73 16.07
C3A HEC C . 22.85 -4.66 16.70
C4A HEC C . 23.24 -5.67 15.74
CMA HEC C . 23.20 -4.62 18.19
CAA HEC C . 21.48 -2.49 16.75
CBA HEC C . 20.30 -2.95 17.62
CGA HEC C . 19.65 -4.25 17.13
O1A HEC C . 19.54 -5.25 17.89
O2A HEC C . 19.21 -4.27 15.94
NB HEC C . 23.89 -7.88 13.77
C1B HEC C . 24.00 -7.94 15.15
C2B HEC C . 24.16 -9.36 15.49
C3B HEC C . 24.15 -10.07 14.35
C4B HEC C . 23.97 -9.16 13.25
CMB HEC C . 24.33 -9.96 16.91
CAB HEC C . 24.27 -11.61 14.23
CBB HEC C . 22.85 -12.18 14.43
NC HEC C . 23.66 -7.21 11.03
C1C HEC C . 24.09 -8.52 10.93
C2C HEC C . 24.80 -8.69 9.67
C3C HEC C . 24.76 -7.51 9.03
C4C HEC C . 24.03 -6.55 9.87
CMC HEC C . 25.48 -9.99 9.17
CAC HEC C . 25.38 -7.24 7.64
CBC HEC C . 24.69 -8.04 6.50
ND HEC C . 22.67 -4.58 11.85
C1D HEC C . 22.93 -4.43 10.48
C2D HEC C . 22.18 -3.28 10.04
C3D HEC C . 21.42 -2.72 11.25
C4D HEC C . 21.79 -3.61 12.34
CMD HEC C . 22.17 -2.74 8.60
CAD HEC C . 20.48 -1.49 11.28
CBD HEC C . 19.00 -1.88 11.15
CGD HEC C . 18.38 -2.35 12.47
O1D HEC C . 18.80 -1.91 13.57
O2D HEC C . 17.42 -3.18 12.43
FE HEC D . 34.72 7.97 1.91
CHA HEC D . 34.63 9.39 -1.30
CHB HEC D . 37.80 9.42 2.40
CHC HEC D . 34.88 6.57 5.04
CHD HEC D . 31.61 6.65 1.44
NA HEC D . 36.01 9.12 0.72
C1A HEC D . 35.70 9.71 -0.49
C2A HEC D . 36.70 10.74 -0.75
C3A HEC D . 37.57 10.74 0.28
C4A HEC D . 37.16 9.72 1.22
CMA HEC D . 38.81 11.64 0.46
CAA HEC D . 36.74 11.64 -2.01
CBA HEC D . 36.52 13.11 -1.66
CGA HEC D . 35.06 13.43 -1.85
O1A HEC D . 34.35 13.51 -0.81
O2A HEC D . 34.62 13.57 -3.03
NB HEC D . 36.10 7.97 3.44
C1B HEC D . 37.28 8.68 3.45
C2B HEC D . 37.91 8.50 4.75
C3B HEC D . 37.11 7.73 5.48
C4B HEC D . 35.96 7.37 4.68
CMB HEC D . 39.26 9.14 5.15
CAB HEC D . 37.39 7.27 6.94
CBB HEC D . 37.51 8.46 7.93
NC HEC D . 33.36 6.91 3.14
C1C HEC D . 33.84 6.17 4.21
C2C HEC D . 33.05 4.93 4.29
C3C HEC D . 32.15 4.94 3.29
C4C HEC D . 32.33 6.21 2.55
CMC HEC D . 33.21 3.79 5.31
CAC HEC D . 31.13 3.83 2.98
CBC HEC D . 30.08 3.73 4.10
ND HEC D . 33.35 7.98 0.26
C1D HEC D . 32.06 7.47 0.44
C2D HEC D . 31.25 7.94 -0.66
C3D HEC D . 32.16 8.79 -1.55
C4D HEC D . 33.46 8.77 -0.89
CMD HEC D . 29.76 7.65 -0.91
CAD HEC D . 31.64 9.50 -2.84
CBD HEC D . 32.57 9.56 -4.05
CGD HEC D . 32.07 10.70 -4.93
O1D HEC D . 31.44 11.67 -4.42
O2D HEC D . 32.32 10.66 -6.16
FE HEC E . 24.91 1.83 8.00
CHA HEC E . 23.48 2.64 10.98
CHB HEC E . 22.77 4.18 6.39
CHC HEC E . 26.82 1.82 5.17
CHD HEC E . 26.22 -0.96 9.14
NA HEC E . 23.33 3.13 8.57
C1A HEC E . 23.01 3.38 9.90
C2A HEC E . 22.13 4.53 9.91
C3A HEC E . 21.95 4.95 8.67
C4A HEC E . 22.69 4.09 7.77
CMA HEC E . 21.09 6.15 8.22
CAA HEC E . 21.53 5.17 11.16
CBA HEC E . 22.65 6.06 11.63
CGA HEC E . 22.05 7.01 12.61
O1A HEC E . 21.04 6.60 13.24
O2A HEC E . 22.59 8.14 12.75
NB HEC E . 24.85 2.85 6.12
C1B HEC E . 23.85 3.72 5.64
C2B HEC E . 24.17 4.02 4.23
C3B HEC E . 25.30 3.36 3.92
C4B HEC E . 25.73 2.62 5.09
CMB HEC E . 23.33 4.93 3.31
CAB HEC E . 26.05 3.31 2.59
CBB HEC E . 26.56 4.72 2.20
NC HEC E . 26.30 0.69 7.31
C1C HEC E . 26.92 0.79 6.06
C2C HEC E . 27.68 -0.39 5.85
C3C HEC E . 27.54 -1.19 6.94
C4C HEC E . 26.65 -0.51 7.89
CMC HEC E . 28.49 -0.63 4.56
CAC HEC E . 28.20 -2.57 7.15
CBC HEC E . 29.69 -2.38 7.41
ND HEC E . 24.86 0.96 9.83
C1D HEC E . 25.45 -0.27 10.05
C2D HEC E . 25.10 -0.67 11.41
C3D HEC E . 24.24 0.45 12.00
C4D HEC E . 24.16 1.43 10.94
CMD HEC E . 25.52 -1.97 12.12
CAD HEC E . 23.63 0.52 13.41
CBD HEC E . 24.79 0.66 14.39
CGD HEC E . 24.38 0.60 15.85
O1D HEC E . 23.25 0.15 16.14
O2D HEC E . 25.18 1.00 16.73
FE HEC F . 17.21 6.10 4.09
CHA HEC F . 16.11 6.80 6.96
CHB HEC F . 19.18 3.48 5.29
CHC HEC F . 18.29 5.36 0.93
CHD HEC F . 15.95 9.17 2.70
NA HEC F . 17.68 5.29 5.79
C1A HEC F . 16.93 5.69 6.86
C2A HEC F . 17.13 4.71 7.92
C3A HEC F . 17.97 3.77 7.48
C4A HEC F . 18.33 4.13 6.12
CMA HEC F . 18.47 2.52 8.26
CAA HEC F . 16.48 4.78 9.32
CBA HEC F . 16.89 6.09 9.98
CGA HEC F . 17.12 5.85 11.44
O1A HEC F . 17.12 6.82 12.25
O2A HEC F . 17.30 4.67 11.81
NB HEC F . 18.42 4.67 3.30
C1B HEC F . 19.23 3.77 3.96
C2B HEC F . 20.13 3.18 3.00
C3B HEC F . 19.87 3.73 1.83
C4B HEC F . 18.80 4.65 1.98
CMB HEC F . 21.21 2.12 3.25
CAB HEC F . 20.54 3.38 0.51
CBB HEC F . 19.79 2.22 -0.17
NC HEC F . 17.12 7.09 2.16
C1C HEC F . 17.67 6.57 1.01
C2C HEC F . 17.46 7.49 -0.09
C3C HEC F . 16.80 8.56 0.39
C4C HEC F . 16.58 8.32 1.82
CMC HEC F . 17.95 7.19 -1.53
CAC HEC F . 16.35 9.83 -0.38
CBC HEC F . 15.42 9.53 -1.57
ND HEC F . 16.25 7.81 4.75
C1D HEC F . 15.61 8.80 3.99
C2D HEC F . 14.52 9.39 4.76
C3D HEC F . 14.55 8.65 6.12
C4D HEC F . 15.67 7.69 6.01
CMD HEC F . 13.55 10.49 4.31
CAD HEC F . 13.55 8.93 7.27
CBD HEC F . 14.14 8.62 8.64
CGD HEC F . 13.02 8.42 9.60
O1D HEC F . 12.94 7.32 10.24
O2D HEC F . 12.20 9.36 9.70
FE HEC G . 12.74 12.73 -4.14
CHA HEC G . 9.93 11.67 -6.06
CHB HEC G . 10.54 13.44 -1.61
CHC HEC G . 15.34 13.42 -2.11
CHD HEC G . 14.65 12.91 -6.81
NA HEC G . 10.52 12.67 -3.93
C1A HEC G . 9.64 11.93 -4.73
C2A HEC G . 8.50 11.55 -3.90
C3A HEC G . 8.70 12.06 -2.67
C4A HEC G . 9.96 12.78 -2.68
CMA HEC G . 7.75 11.90 -1.47
CAA HEC G . 7.23 10.71 -4.24
CBA HEC G . 7.46 9.18 -4.28
CGA HEC G . 7.98 8.51 -3.01
O1A HEC G . 8.99 7.75 -3.08
O2A HEC G . 7.37 8.75 -1.93
NB HEC G . 12.90 13.35 -2.25
C1B HEC G . 11.88 13.52 -1.34
C2B HEC G . 12.46 13.77 -0.04
C3B HEC G . 13.78 13.79 -0.18
C4B HEC G . 14.08 13.51 -1.57
CMB HEC G . 11.67 14.00 1.27
CAB HEC G . 14.84 14.00 0.92
CBB HEC G . 15.16 12.66 1.63
NC HEC G . 14.66 13.03 -4.39
C1C HEC G . 15.58 13.43 -3.45
C2C HEC G . 16.79 13.88 -4.10
C3C HEC G . 16.58 13.74 -5.42
C4C HEC G . 15.25 13.21 -5.62
CMC HEC G . 18.05 14.42 -3.41
CAC HEC G . 17.58 14.09 -6.56
CBC HEC G . 18.89 13.26 -6.53
ND HEC G . 12.35 12.39 -6.11
C1D HEC G . 13.38 12.46 -7.02
C2D HEC G . 12.91 11.98 -8.28
C3D HEC G . 11.44 11.61 -8.09
C4D HEC G . 11.16 11.88 -6.69
CMD HEC G . 13.73 11.89 -9.58
CAD HEC G . 10.50 11.00 -9.17
CBD HEC G . 9.34 11.89 -9.61
CGD HEC G . 9.77 13.25 -10.11
O1D HEC G . 10.32 14.08 -9.33
O2D HEC G . 9.55 13.55 -11.31
CA CA H . 17.19 -14.86 7.33
FE HEC I . -22.90 7.51 -13.34
CHA HEC I . -20.44 6.33 -15.21
CHB HEC I . -25.01 4.99 -14.38
CHC HEC I . -25.46 8.40 -11.00
CHD HEC I . -21.06 10.07 -12.07
NA HEC I . -22.74 5.93 -14.52
C1A HEC I . -21.64 5.66 -15.30
C2A HEC I . -21.97 4.56 -16.19
C3A HEC I . -23.23 4.21 -15.94
C4A HEC I . -23.74 5.06 -14.90
CMA HEC I . -24.07 3.11 -16.62
CAA HEC I . -21.06 3.90 -17.26
CBA HEC I . -20.27 2.74 -16.66
CGA HEC I . -21.21 1.68 -16.13
O1A HEC I . -21.86 1.01 -16.98
O2A HEC I . -21.32 1.49 -14.89
NB HEC I . -24.88 6.88 -12.84
C1B HEC I . -25.48 5.73 -13.33
C2B HEC I . -26.67 5.44 -12.54
C3B HEC I . -26.78 6.41 -11.63
C4B HEC I . -25.66 7.29 -11.78
CMB HEC I . -27.64 4.27 -12.73
CAB HEC I . -27.85 6.56 -10.54
CBB HEC I . -27.38 5.77 -9.31
NC HEC I . -23.21 8.94 -11.78
C1C HEC I . -24.35 9.18 -11.04
C2C HEC I . -24.21 10.42 -10.32
C3C HEC I . -22.99 10.92 -10.58
C4C HEC I . -22.33 9.99 -11.52
CMC HEC I . -25.30 11.00 -9.40
CAC HEC I . -22.44 12.25 -10.01
CBC HEC I . -22.34 12.26 -8.46
ND HEC I . -21.05 8.14 -13.65
C1D HEC I . -20.43 9.15 -12.91
C2D HEC I . -19.01 9.08 -13.15
C3D HEC I . -18.82 7.92 -14.14
C4D HEC I . -20.14 7.40 -14.38
CMD HEC I . -17.95 10.01 -12.54
CAD HEC I . -17.51 7.36 -14.75
CBD HEC I . -16.58 6.79 -13.69
CGD HEC I . -16.76 5.29 -13.48
O1D HEC I . -17.63 4.67 -14.16
O2D HEC I . -16.03 4.72 -12.61
FE HEC J . -14.63 24.48 -21.55
CHA HEC J . -11.61 25.95 -20.92
CHB HEC J . -15.52 26.83 -23.58
CHC HEC J . -16.53 22.13 -23.03
CHD HEC J . -14.46 22.66 -18.69
NA HEC J . -13.61 26.07 -22.25
C1A HEC J . -12.53 26.68 -21.63
C2A HEC J . -12.64 28.14 -21.82
C3A HEC J . -13.74 28.35 -22.56
C4A HEC J . -14.37 27.07 -22.85
CMA HEC J . -14.27 29.73 -23.03
CAA HEC J . -11.70 29.26 -21.30
CBA HEC J . -10.20 28.96 -21.39
CGA HEC J . -9.76 28.12 -22.58
O1A HEC J . -10.35 28.26 -23.70
O2A HEC J . -8.80 27.32 -22.43
NB HEC J . -15.77 24.43 -23.09
C1B HEC J . -16.13 25.58 -23.73
C2B HEC J . -17.25 25.29 -24.59
C3B HEC J . -17.54 24.00 -24.46
C4B HEC J . -16.60 23.42 -23.51
CMB HEC J . -17.95 26.32 -25.49
CAB HEC J . -18.68 23.27 -25.22
CBB HEC J . -18.30 23.13 -26.71
NC HEC J . -15.33 22.63 -20.97
C1C HEC J . -16.25 21.89 -21.69
C2C HEC J . -16.82 20.90 -20.78
C3C HEC J . -16.24 21.05 -19.56
C4C HEC J . -15.28 22.15 -19.67
CMC HEC J . -17.90 19.86 -21.18
CAC HEC J . -16.48 20.25 -18.24
CBC HEC J . -16.03 18.78 -18.33
ND HEC J . -13.18 24.29 -20.07
C1D HEC J . -13.45 23.59 -18.90
C2D HEC J . -12.48 24.00 -17.89
C3D HEC J . -11.57 25.04 -18.57
C4D HEC J . -12.07 25.13 -19.93
CMD HEC J . -12.41 23.46 -16.45
CAD HEC J . -10.36 25.79 -17.95
CBD HEC J . -10.44 27.29 -18.19
CGD HEC J . -9.32 27.95 -17.40
O1D HEC J . -8.42 28.57 -18.03
O2D HEC J . -9.35 27.84 -16.15
FE HEC K . -16.03 12.78 -16.18
CHA HEC K . -15.99 9.77 -17.96
CHB HEC K . -12.55 12.78 -16.35
CHC HEC K . -15.88 16.18 -15.34
CHD HEC K . -19.28 12.73 -15.84
NA HEC K . -14.54 11.48 -16.97
C1A HEC K . -14.75 10.34 -17.72
C2A HEC K . -13.46 9.86 -18.18
C3A HEC K . -12.52 10.70 -17.74
C4A HEC K . -13.18 11.72 -16.98
CMA HEC K . -11.00 10.61 -17.97
CAA HEC K . -13.21 8.62 -19.05
CBA HEC K . -12.96 9.22 -20.43
CGA HEC K . -12.43 8.18 -21.34
O1A HEC K . -12.45 6.99 -20.94
O2A HEC K . -11.98 8.54 -22.45
NB HEC K . -14.53 14.24 -15.92
C1B HEC K . -13.15 13.98 -16.01
C2B HEC K . -12.43 15.18 -15.67
C3B HEC K . -13.35 16.13 -15.37
C4B HEC K . -14.68 15.56 -15.54
CMB HEC K . -10.88 15.25 -15.66
CAB HEC K . -13.12 17.59 -14.98
CBB HEC K . -12.92 18.35 -16.30
NC HEC K . -17.29 14.19 -15.67
C1C HEC K . -17.08 15.53 -15.36
C2C HEC K . -18.39 16.12 -15.09
C3C HEC K . -19.32 15.16 -15.21
C4C HEC K . -18.65 13.94 -15.60
CMC HEC K . -18.59 17.60 -14.70
CAC HEC K . -20.85 15.28 -15.04
CBC HEC K . -21.40 16.05 -16.26
ND HEC K . -17.43 11.46 -16.89
C1D HEC K . -18.75 11.62 -16.45
C2D HEC K . -19.46 10.41 -16.76
C3D HEC K . -18.47 9.47 -17.44
C4D HEC K . -17.21 10.20 -17.45
CMD HEC K . -20.93 10.11 -16.49
CAD HEC K . -18.84 8.05 -17.91
CBD HEC K . -18.34 7.74 -19.31
CGD HEC K . -19.24 6.72 -19.94
O1D HEC K . -19.48 5.63 -19.35
O2D HEC K . -19.72 7.00 -21.07
FE HEC L . -6.82 10.88 -13.86
CHA HEC L . -6.81 7.70 -14.83
CHB HEC L . -10.24 11.00 -14.06
CHC HEC L . -6.83 14.00 -12.18
CHD HEC L . -3.63 11.31 -14.67
NA HEC L . -8.27 9.59 -14.29
C1A HEC L . -8.02 8.33 -14.77
C2A HEC L . -9.26 7.78 -15.23
C3A HEC L . -10.23 8.67 -15.04
C4A HEC L . -9.62 9.84 -14.43
CMA HEC L . -11.70 8.49 -15.37
CAA HEC L . -9.38 6.38 -15.83
CBA HEC L . -9.01 6.50 -17.28
CGA HEC L . -10.20 5.89 -17.94
O1A HEC L . -10.24 5.75 -19.19
O2A HEC L . -11.11 5.53 -17.15
NB HEC L . -8.26 12.27 -13.26
C1B HEC L . -9.62 12.07 -13.40
C2B HEC L . -10.29 13.16 -12.72
C3B HEC L . -9.37 13.98 -12.23
C4B HEC L . -8.05 13.44 -12.53
CMB HEC L . -11.80 13.40 -12.61
CAB HEC L . -9.69 15.25 -11.44
CBB HEC L . -9.84 14.87 -9.94
NC HEC L . -5.50 12.52 -13.61
C1C HEC L . -5.62 13.47 -12.61
C2C HEC L . -4.28 13.74 -12.07
C3C HEC L . -3.40 12.99 -12.79
C4C HEC L . -4.15 12.21 -13.75
CMC HEC L . -3.97 14.72 -10.94
CAC HEC L . -1.86 12.84 -12.65
CBC HEC L . -1.54 11.72 -11.63
ND HEC L . -5.38 9.63 -14.64
C1D HEC L . -4.10 10.06 -14.97
C2D HEC L . -3.41 9.00 -15.68
C3D HEC L . -4.39 7.84 -15.75
C4D HEC L . -5.60 8.33 -15.07
CMD HEC L . -1.97 9.02 -16.24
CAD HEC L . -4.10 6.46 -16.40
CBD HEC L . -5.20 6.05 -17.36
CGD HEC L . -5.06 4.59 -17.66
O1D HEC L . -5.95 4.02 -18.36
O2D HEC L . -4.07 3.98 -17.20
FE HEC M . 4.13 14.03 -11.22
CHA HEC M . 5.35 13.22 -8.20
CHB HEC M . 4.29 10.88 -12.28
CHC HEC M . 2.23 14.73 -14.11
CHD HEC M . 4.11 17.36 -10.51
NA HEC M . 4.80 12.44 -10.41
C1A HEC M . 5.09 12.21 -9.08
C2A HEC M . 5.07 10.78 -8.83
C3A HEC M . 4.79 10.20 -10.00
C4A HEC M . 4.61 11.20 -10.98
CMA HEC M . 4.63 8.72 -10.36
CAA HEC M . 5.33 10.00 -7.51
CBA HEC M . 4.13 9.77 -6.55
CGA HEC M . 2.79 9.28 -7.10
O1A HEC M . 1.73 9.94 -6.84
O2A HEC M . 2.80 8.18 -7.75
NB HEC M . 3.32 13.01 -12.85
C1B HEC M . 3.66 11.71 -13.14
C2B HEC M . 3.27 11.39 -14.50
C3B HEC M . 2.71 12.48 -15.01
C4B HEC M . 2.72 13.48 -13.98
CMB HEC M . 3.49 10.05 -15.22
CAB HEC M . 2.12 12.64 -16.43
CBB HEC M . 0.81 11.84 -16.55
NC HEC M . 3.27 15.67 -12.07
C1C HEC M . 2.68 15.75 -13.33
C2C HEC M . 2.59 17.12 -13.74
C3C HEC M . 3.11 17.87 -12.74
C4C HEC M . 3.53 16.98 -11.69
CMC HEC M . 1.99 17.56 -15.10
CAC HEC M . 3.25 19.40 -12.68
CBC HEC M . 1.86 20.09 -12.70
ND HEC M . 4.65 15.11 -9.63
C1D HEC M . 4.57 16.50 -9.53
C2D HEC M . 5.03 16.92 -8.23
C3D HEC M . 5.42 15.62 -7.51
C4D HEC M . 5.15 14.56 -8.46
CMD HEC M . 5.12 18.36 -7.66
CAD HEC M . 5.98 15.49 -6.09
CBD HEC M . 7.44 15.10 -6.25
CGD HEC M . 8.22 16.36 -6.50
O1D HEC M . 7.89 17.37 -5.82
O2D HEC M . 9.18 16.34 -7.33
CA CA N . -22.75 5.74 -1.78
O43 PE3 O . -11.92 43.15 -8.82
C42 PE3 O . -10.88 44.09 -8.75
C41 PE3 O . -9.65 43.39 -8.20
O40 PE3 O . -8.52 44.21 -8.33
C39 PE3 O . -7.34 43.49 -8.00
C38 PE3 O . -6.16 43.94 -8.83
O37 PE3 O . -5.88 43.02 -9.87
C36 PE3 O . -7.00 42.71 -10.66
C35 PE3 O . -6.66 42.49 -12.10
O34 PE3 O . -7.41 43.38 -12.90
C33 PE3 O . -7.58 42.95 -14.22
C32 PE3 O . -8.61 41.85 -14.26
O31 PE3 O . -9.88 42.34 -13.95
C30 PE3 O . -10.68 41.45 -13.17
C29 PE3 O . -11.29 42.16 -11.98
O28 PE3 O . -12.47 41.54 -11.50
C27 PE3 O . -13.52 41.56 -12.44
C26 PE3 O . -13.80 42.96 -12.93
O25 PE3 O . -14.29 42.90 -14.25
C24 PE3 O . -13.95 44.02 -15.06
C23 PE3 O . -12.48 44.05 -15.39
O22 PE3 O . -12.17 43.20 -16.47
C21 PE3 O . -10.80 43.21 -16.79
C20 PE3 O . -10.41 41.87 -17.37
O19 PE3 O . -9.32 42.04 -18.25
C18 PE3 O . -9.48 41.39 -19.49
C17 PE3 O . -10.65 41.98 -20.24
O16 PE3 O . -11.71 41.06 -20.23
C15 PE3 O . -12.95 41.66 -20.51
C14 PE3 O . -13.73 40.76 -21.44
O13 PE3 O . -13.02 40.59 -22.64
C12 PE3 O . -12.86 39.25 -23.04
C11 PE3 O . -12.89 39.17 -24.54
O10 PE3 O . -11.68 38.64 -25.02
C9 PE3 O . -11.46 39.00 -26.36
C8 PE3 O . -10.37 38.15 -26.97
O7 PE3 O . -9.79 38.80 -28.09
C6 PE3 O . -9.29 37.92 -29.07
C5 PE3 O . -9.95 38.22 -30.39
O4 PE3 O . -11.34 38.40 -30.22
C3 PE3 O . -12.05 37.19 -30.00
C2 PE3 O . -13.44 37.51 -29.51
O1 PE3 O . -13.49 38.78 -28.90
#